data_6SQ3
#
_entry.id   6SQ3
#
_cell.length_a   41.526
_cell.length_b   117.979
_cell.length_c   71.945
_cell.angle_alpha   90.000
_cell.angle_beta   103.300
_cell.angle_gamma   90.000
#
_symmetry.space_group_name_H-M   'P 1 21 1'
#
loop_
_entity.id
_entity.type
_entity.pdbx_description
1 polymer 'Protein arginine N-methyltransferase 6'
2 non-polymer [[2-[(2~{R},3~{S},4~{R},5~{R})-5-(6-aminopurin-9-yl)-3,4-bis(oxidanyl)oxolan-2-yl]ethylamino]-azanyl-methylidene]azanium
3 water water
#
_entity_poly.entity_id   1
_entity_poly.type   'polypeptide(L)'
_entity_poly.pdbx_seq_one_letter_code
;MSLSKKRKLESGDSGGAGAGGEGAEEENGGEQEAAPPRPRRTKSERDQLYYECYSDVSVHEEMIADQVRTEAYRLGILKN
WAALRGKTVLDVGAGTGILSIFCAQAGARRVYAVEASAIWQQAREVVRLNGLEDRVHVLPGPVETVELPERVDAIVSEWM
GYGLLHESMLSSVLHARTKWLKEGGLLLPASAELFVAPISDQMLEWRLGFWSQVKQHYGVDMSCMESFATRCLMGHSEIV
VQDLSGEDVLARPQRFAQLELARAGLEQELEAGVGGRFRCSCYGSAPLHGFAVWFQVTFPGGDSEKPLVLSTSPLHPATH
WKQALLYLNEPVPVEQDTDISGEITLLPSPDNPRRLRILLRYKVGDHEEKTKDFAMEDGSENLYFQ
;
_entity_poly.pdbx_strand_id   A,B
#
loop_
_chem_comp.id
_chem_comp.type
_chem_comp.name
_chem_comp.formula
6RE non-polymer [[2-[(2~{R},3~{S},4~{R},5~{R})-5-(6-aminopurin-9-yl)-3,4-bis(oxidanyl)oxolan-2-yl]ethylamino]-azanyl-methylidene]azanium 'C12 H19 N8 O3 1'
#
# COMPACT_ATOMS: atom_id res chain seq x y z
N TYR A 50 -12.82 -6.31 -10.49
CA TYR A 50 -13.47 -5.01 -10.41
C TYR A 50 -14.79 -5.11 -9.63
N TYR A 51 -15.61 -6.08 -10.04
CA TYR A 51 -16.80 -6.42 -9.26
C TYR A 51 -16.43 -6.85 -7.84
N GLU A 52 -15.27 -7.50 -7.67
CA GLU A 52 -14.76 -7.92 -6.38
C GLU A 52 -14.28 -6.78 -5.50
N CYS A 53 -13.85 -5.65 -6.09
CA CYS A 53 -13.36 -4.51 -5.32
C CYS A 53 -14.49 -3.74 -4.66
N TYR A 54 -15.48 -3.32 -5.44
CA TYR A 54 -16.57 -2.50 -4.90
C TYR A 54 -17.63 -3.32 -4.19
N SER A 55 -17.52 -4.64 -4.18
CA SER A 55 -18.34 -5.47 -3.31
C SER A 55 -17.74 -5.60 -1.92
N ASP A 56 -16.55 -5.05 -1.70
CA ASP A 56 -15.86 -5.07 -0.42
C ASP A 56 -16.04 -3.73 0.29
N VAL A 57 -15.76 -3.73 1.60
CA VAL A 57 -16.02 -2.56 2.43
C VAL A 57 -14.97 -1.46 2.22
N SER A 58 -13.73 -1.83 1.89
CA SER A 58 -12.60 -0.90 2.04
C SER A 58 -12.74 0.32 1.14
N VAL A 59 -13.14 0.11 -0.12
CA VAL A 59 -13.20 1.23 -1.05
C VAL A 59 -14.35 2.17 -0.70
N HIS A 60 -15.47 1.62 -0.21
CA HIS A 60 -16.57 2.48 0.23
C HIS A 60 -16.23 3.18 1.53
N GLU A 61 -15.56 2.49 2.44
CA GLU A 61 -15.08 3.14 3.66
C GLU A 61 -14.11 4.27 3.32
N GLU A 62 -13.27 4.08 2.31
CA GLU A 62 -12.34 5.12 1.91
C GLU A 62 -13.07 6.30 1.27
N MET A 63 -14.10 6.02 0.46
CA MET A 63 -14.80 7.10 -0.23
C MET A 63 -15.63 7.94 0.73
N ILE A 64 -16.28 7.30 1.70
CA ILE A 64 -17.12 8.05 2.63
C ILE A 64 -16.28 8.75 3.69
N ALA A 65 -15.16 8.14 4.13
CA ALA A 65 -14.27 8.81 5.04
C ALA A 65 -13.52 9.97 4.39
N ASP A 66 -13.52 10.04 3.06
CA ASP A 66 -13.00 11.22 2.36
C ASP A 66 -13.92 12.38 2.67
N GLN A 67 -13.59 13.17 3.69
CA GLN A 67 -14.51 14.19 4.18
C GLN A 67 -14.68 15.31 3.17
N VAL A 68 -13.62 15.68 2.46
CA VAL A 68 -13.72 16.76 1.48
C VAL A 68 -14.62 16.35 0.33
N ARG A 69 -14.53 15.10 -0.11
CA ARG A 69 -15.34 14.64 -1.23
C ARG A 69 -16.81 14.51 -0.82
N THR A 70 -17.07 13.83 0.29
CA THR A 70 -18.45 13.54 0.66
C THR A 70 -19.19 14.80 1.06
N GLU A 71 -18.54 15.70 1.79
CA GLU A 71 -19.18 16.97 2.15
C GLU A 71 -19.43 17.84 0.93
N ALA A 72 -18.55 17.77 -0.07
CA ALA A 72 -18.77 18.53 -1.30
C ALA A 72 -19.99 18.03 -2.06
N TYR A 73 -20.14 16.72 -2.18
CA TYR A 73 -21.32 16.17 -2.86
C TYR A 73 -22.59 16.48 -2.07
N ARG A 74 -22.52 16.40 -0.74
CA ARG A 74 -23.68 16.72 0.08
C ARG A 74 -24.13 18.15 -0.14
N LEU A 75 -23.18 19.10 -0.14
CA LEU A 75 -23.54 20.49 -0.32
C LEU A 75 -23.95 20.79 -1.75
N GLY A 76 -23.20 20.27 -2.74
CA GLY A 76 -23.57 20.45 -4.12
C GLY A 76 -24.97 19.96 -4.45
N ILE A 77 -25.41 18.89 -3.78
CA ILE A 77 -26.76 18.38 -3.97
C ILE A 77 -27.76 19.26 -3.25
N LEU A 78 -27.52 19.54 -1.97
CA LEU A 78 -28.45 20.34 -1.19
C LEU A 78 -28.55 21.77 -1.71
N LYS A 79 -27.48 22.28 -2.32
CA LYS A 79 -27.55 23.62 -2.91
C LYS A 79 -28.54 23.67 -4.07
N ASN A 80 -28.77 22.53 -4.71
CA ASN A 80 -29.68 22.45 -5.87
C ASN A 80 -31.08 22.03 -5.45
N TRP A 81 -31.56 22.49 -4.28
CA TRP A 81 -32.88 22.09 -3.82
C TRP A 81 -33.97 22.57 -4.77
N ALA A 82 -33.79 23.75 -5.37
CA ALA A 82 -34.82 24.28 -6.26
C ALA A 82 -34.95 23.43 -7.51
N ALA A 83 -33.84 22.88 -7.98
CA ALA A 83 -33.85 22.06 -9.18
C ALA A 83 -34.20 20.60 -8.89
N LEU A 84 -34.14 20.18 -7.63
CA LEU A 84 -34.42 18.80 -7.26
C LEU A 84 -35.75 18.61 -6.54
N ARG A 85 -36.33 19.66 -5.99
CA ARG A 85 -37.54 19.54 -5.19
C ARG A 85 -38.69 19.00 -6.03
N GLY A 86 -39.21 17.85 -5.63
CA GLY A 86 -40.31 17.23 -6.35
C GLY A 86 -39.94 16.58 -7.66
N LYS A 87 -38.65 16.42 -7.93
CA LYS A 87 -38.17 15.87 -9.20
C LYS A 87 -37.63 14.45 -8.98
N THR A 88 -37.15 13.86 -10.07
CA THR A 88 -36.63 12.50 -10.07
C THR A 88 -35.14 12.51 -10.38
N VAL A 89 -34.39 11.63 -9.70
CA VAL A 89 -32.94 11.60 -9.80
C VAL A 89 -32.49 10.19 -10.17
N LEU A 90 -31.42 10.11 -10.95
CA LEU A 90 -30.75 8.85 -11.26
C LEU A 90 -29.33 8.92 -10.70
N ASP A 91 -29.01 7.99 -9.79
CA ASP A 91 -27.68 7.90 -9.20
C ASP A 91 -26.93 6.76 -9.88
N VAL A 92 -25.91 7.10 -10.66
CA VAL A 92 -25.12 6.11 -11.39
C VAL A 92 -23.97 5.66 -10.50
N GLY A 93 -23.94 4.37 -10.18
CA GLY A 93 -22.94 3.84 -9.28
C GLY A 93 -23.13 4.36 -7.86
N ALA A 94 -24.30 4.06 -7.28
CA ALA A 94 -24.67 4.62 -5.99
C ALA A 94 -23.92 4.01 -4.82
N GLY A 95 -23.27 2.86 -5.02
CA GLY A 95 -22.52 2.24 -3.93
C GLY A 95 -23.42 1.91 -2.76
N THR A 96 -23.17 2.56 -1.62
CA THR A 96 -24.00 2.39 -0.44
C THR A 96 -25.26 3.25 -0.48
N GLY A 97 -25.39 4.12 -1.47
CA GLY A 97 -26.59 4.93 -1.61
C GLY A 97 -26.60 6.22 -0.83
N ILE A 98 -25.44 6.71 -0.38
CA ILE A 98 -25.42 7.91 0.45
C ILE A 98 -25.75 9.15 -0.38
N LEU A 99 -25.40 9.17 -1.67
CA LEU A 99 -25.71 10.32 -2.50
C LEU A 99 -27.19 10.36 -2.85
N SER A 100 -27.82 9.18 -3.02
CA SER A 100 -29.25 9.13 -3.28
C SER A 100 -30.04 9.66 -2.09
N ILE A 101 -29.56 9.40 -0.88
CA ILE A 101 -30.23 9.91 0.32
C ILE A 101 -30.05 11.42 0.43
N PHE A 102 -28.88 11.93 0.06
CA PHE A 102 -28.68 13.37 0.01
C PHE A 102 -29.68 14.02 -0.93
N CYS A 103 -29.98 13.37 -2.06
CA CYS A 103 -30.92 13.94 -3.01
C CYS A 103 -32.34 13.96 -2.45
N ALA A 104 -32.72 12.92 -1.70
CA ALA A 104 -34.04 12.91 -1.08
C ALA A 104 -34.15 13.97 0.00
N GLN A 105 -33.09 14.15 0.80
CA GLN A 105 -33.09 15.21 1.80
C GLN A 105 -33.17 16.58 1.15
N ALA A 106 -32.70 16.71 -0.08
CA ALA A 106 -32.81 17.95 -0.84
C ALA A 106 -34.19 18.18 -1.43
N GLY A 107 -35.11 17.21 -1.27
CA GLY A 107 -36.47 17.37 -1.72
C GLY A 107 -36.88 16.53 -2.91
N ALA A 108 -36.03 15.60 -3.35
CA ALA A 108 -36.36 14.79 -4.53
C ALA A 108 -37.54 13.88 -4.25
N ARG A 109 -38.46 13.81 -5.23
CA ARG A 109 -39.63 12.94 -5.12
C ARG A 109 -39.28 11.47 -5.30
N ARG A 110 -38.29 11.17 -6.16
CA ARG A 110 -38.00 9.79 -6.53
C ARG A 110 -36.54 9.70 -6.96
N VAL A 111 -35.79 8.79 -6.35
CA VAL A 111 -34.39 8.59 -6.67
C VAL A 111 -34.15 7.12 -6.98
N TYR A 112 -33.48 6.84 -8.09
CA TYR A 112 -33.13 5.48 -8.49
C TYR A 112 -31.64 5.29 -8.27
N ALA A 113 -31.29 4.41 -7.35
CA ALA A 113 -29.89 4.14 -7.00
C ALA A 113 -29.45 2.89 -7.75
N VAL A 114 -28.79 3.08 -8.89
CA VAL A 114 -28.34 1.97 -9.71
C VAL A 114 -26.90 1.65 -9.34
N GLU A 115 -26.67 0.42 -8.88
CA GLU A 115 -25.36 -0.04 -8.46
C GLU A 115 -25.13 -1.45 -8.97
N ALA A 116 -23.99 -1.65 -9.67
CA ALA A 116 -23.70 -2.91 -10.35
C ALA A 116 -23.09 -3.98 -9.44
N SER A 117 -22.31 -3.60 -8.43
CA SER A 117 -21.64 -4.57 -7.59
C SER A 117 -22.59 -5.09 -6.51
N ALA A 118 -22.10 -6.04 -5.71
CA ALA A 118 -22.92 -6.66 -4.67
C ALA A 118 -23.30 -5.69 -3.55
N ILE A 119 -22.64 -4.54 -3.46
CA ILE A 119 -22.92 -3.57 -2.42
C ILE A 119 -24.33 -2.97 -2.54
N TRP A 120 -25.04 -3.24 -3.63
CA TRP A 120 -26.41 -2.75 -3.76
C TRP A 120 -27.31 -3.33 -2.68
N GLN A 121 -26.96 -4.51 -2.15
CA GLN A 121 -27.75 -5.09 -1.07
C GLN A 121 -27.52 -4.36 0.24
N GLN A 122 -26.31 -3.80 0.43
CA GLN A 122 -26.08 -2.91 1.57
C GLN A 122 -26.76 -1.57 1.37
N ALA A 123 -26.78 -1.08 0.12
CA ALA A 123 -27.50 0.16 -0.18
C ALA A 123 -28.99 0.03 0.12
N ARG A 124 -29.58 -1.12 -0.22
CA ARG A 124 -30.97 -1.35 0.12
C ARG A 124 -31.18 -1.30 1.63
N GLU A 125 -30.26 -1.88 2.39
CA GLU A 125 -30.39 -1.88 3.85
C GLU A 125 -30.23 -0.48 4.42
N VAL A 126 -29.28 0.30 3.87
CA VAL A 126 -29.10 1.67 4.33
C VAL A 126 -30.35 2.50 4.05
N VAL A 127 -30.99 2.27 2.90
CA VAL A 127 -32.13 3.09 2.52
C VAL A 127 -33.35 2.78 3.39
N ARG A 128 -33.59 1.50 3.67
CA ARG A 128 -34.67 1.15 4.60
C ARG A 128 -34.35 1.60 6.02
N LEU A 129 -33.08 1.53 6.41
CA LEU A 129 -32.68 1.96 7.74
C LEU A 129 -32.98 3.44 7.98
N ASN A 130 -32.98 4.24 6.91
CA ASN A 130 -33.31 5.65 6.99
C ASN A 130 -34.76 5.93 6.64
N GLY A 131 -35.59 4.89 6.49
CA GLY A 131 -37.00 5.09 6.18
C GLY A 131 -37.25 5.78 4.85
N LEU A 132 -36.51 5.40 3.81
CA LEU A 132 -36.54 6.11 2.55
C LEU A 132 -36.75 5.19 1.35
N GLU A 133 -37.17 3.95 1.58
CA GLU A 133 -37.36 3.04 0.45
C GLU A 133 -38.56 3.39 -0.41
N ASP A 134 -39.47 4.25 0.07
CA ASP A 134 -40.58 4.69 -0.77
C ASP A 134 -40.12 5.70 -1.81
N ARG A 135 -39.11 6.50 -1.49
CA ARG A 135 -38.60 7.53 -2.39
C ARG A 135 -37.32 7.14 -3.09
N VAL A 136 -36.47 6.31 -2.47
CA VAL A 136 -35.19 5.90 -3.02
C VAL A 136 -35.27 4.41 -3.34
N HIS A 137 -35.06 4.07 -4.61
CA HIS A 137 -35.16 2.70 -5.09
C HIS A 137 -33.79 2.23 -5.56
N VAL A 138 -33.16 1.38 -4.76
CA VAL A 138 -31.88 0.78 -5.16
C VAL A 138 -32.14 -0.27 -6.22
N LEU A 139 -31.59 -0.05 -7.42
CA LEU A 139 -31.76 -0.98 -8.53
C LEU A 139 -30.43 -1.66 -8.84
N PRO A 140 -30.35 -2.98 -8.79
CA PRO A 140 -29.08 -3.65 -9.06
C PRO A 140 -28.82 -3.79 -10.55
N GLY A 141 -27.52 -3.85 -10.89
CA GLY A 141 -27.09 -4.06 -12.24
C GLY A 141 -26.45 -2.84 -12.86
N PRO A 142 -25.87 -3.02 -14.05
CA PRO A 142 -25.28 -1.87 -14.75
C PRO A 142 -26.36 -0.89 -15.18
N VAL A 143 -25.96 0.39 -15.26
CA VAL A 143 -26.89 1.42 -15.68
C VAL A 143 -27.25 1.27 -17.16
N GLU A 144 -26.48 0.50 -17.93
CA GLU A 144 -26.75 0.33 -19.35
C GLU A 144 -27.88 -0.65 -19.64
N THR A 145 -28.17 -1.57 -18.72
CA THR A 145 -29.24 -2.54 -18.89
C THR A 145 -30.39 -2.33 -17.91
N VAL A 146 -30.28 -1.35 -17.01
CA VAL A 146 -31.34 -1.12 -16.02
C VAL A 146 -32.56 -0.56 -16.71
N GLU A 147 -33.74 -0.90 -16.19
CA GLU A 147 -35.03 -0.46 -16.74
C GLU A 147 -35.66 0.52 -15.75
N LEU A 148 -35.67 1.79 -16.12
CA LEU A 148 -36.37 2.80 -15.34
C LEU A 148 -37.78 2.99 -15.90
N PRO A 149 -38.75 3.36 -15.06
CA PRO A 149 -40.11 3.59 -15.56
C PRO A 149 -40.29 4.92 -16.27
N GLU A 150 -39.25 5.73 -16.35
CA GLU A 150 -39.38 7.12 -16.79
C GLU A 150 -38.00 7.70 -17.03
N ARG A 151 -37.94 8.71 -17.88
CA ARG A 151 -36.76 9.57 -17.93
C ARG A 151 -36.74 10.48 -16.71
N VAL A 152 -35.54 10.77 -16.22
CA VAL A 152 -35.38 11.46 -14.95
C VAL A 152 -35.00 12.91 -15.20
N ASP A 153 -35.21 13.74 -14.17
CA ASP A 153 -34.91 15.16 -14.24
C ASP A 153 -33.44 15.46 -13.98
N ALA A 154 -32.74 14.60 -13.26
CA ALA A 154 -31.37 14.87 -12.87
C ALA A 154 -30.58 13.58 -12.77
N ILE A 155 -29.27 13.69 -12.95
CA ILE A 155 -28.33 12.59 -12.77
C ILE A 155 -27.23 13.05 -11.82
N VAL A 156 -27.00 12.26 -10.77
CA VAL A 156 -25.90 12.49 -9.84
C VAL A 156 -25.01 11.25 -9.85
N SER A 157 -23.70 11.46 -9.71
CA SER A 157 -22.78 10.33 -9.77
C SER A 157 -21.42 10.76 -9.25
N GLU A 158 -20.79 9.88 -8.48
CA GLU A 158 -19.40 10.02 -8.08
C GLU A 158 -18.62 9.02 -8.94
N TRP A 159 -18.09 9.49 -10.06
CA TRP A 159 -17.54 8.62 -11.09
C TRP A 159 -16.04 8.74 -11.28
N MET A 160 -15.39 9.71 -10.63
CA MET A 160 -14.00 10.02 -10.92
C MET A 160 -13.07 8.99 -10.29
N GLY A 161 -12.04 8.62 -11.04
CA GLY A 161 -10.97 7.79 -10.54
C GLY A 161 -9.65 8.56 -10.42
N TYR A 162 -8.58 7.80 -10.22
CA TYR A 162 -7.26 8.41 -10.19
C TYR A 162 -6.93 9.00 -11.55
N GLY A 163 -6.32 10.18 -11.55
CA GLY A 163 -6.11 10.88 -12.80
C GLY A 163 -7.39 11.18 -13.53
N LEU A 164 -8.51 11.27 -12.79
CA LEU A 164 -9.85 11.53 -13.31
C LEU A 164 -10.44 10.35 -14.08
N LEU A 165 -9.66 9.70 -14.94
CA LEU A 165 -10.22 8.74 -15.90
C LEU A 165 -9.70 7.31 -15.75
N HIS A 166 -9.00 6.98 -14.67
CA HIS A 166 -8.56 5.61 -14.43
C HIS A 166 -9.65 4.81 -13.74
N GLU A 167 -9.95 3.63 -14.29
CA GLU A 167 -11.03 2.77 -13.80
C GLU A 167 -12.30 3.58 -13.57
N SER A 168 -12.55 4.54 -14.46
CA SER A 168 -13.64 5.48 -14.30
C SER A 168 -14.91 4.97 -14.96
N MET A 169 -16.04 5.51 -14.50
CA MET A 169 -17.36 5.17 -15.02
C MET A 169 -17.99 6.37 -15.72
N LEU A 170 -17.16 7.24 -16.29
CA LEU A 170 -17.69 8.38 -17.02
C LEU A 170 -18.54 7.94 -18.20
N SER A 171 -18.09 6.92 -18.92
CA SER A 171 -18.87 6.40 -20.04
C SER A 171 -20.20 5.84 -19.57
N SER A 172 -20.24 5.24 -18.38
CA SER A 172 -21.50 4.76 -17.83
C SER A 172 -22.42 5.92 -17.51
N VAL A 173 -21.88 7.03 -17.01
CA VAL A 173 -22.69 8.21 -16.72
C VAL A 173 -23.18 8.84 -18.02
N LEU A 174 -22.30 8.95 -19.02
CA LEU A 174 -22.73 9.47 -20.32
C LEU A 174 -23.75 8.56 -20.96
N HIS A 175 -23.61 7.24 -20.77
CA HIS A 175 -24.59 6.30 -21.29
C HIS A 175 -25.95 6.51 -20.62
N ALA A 176 -25.94 6.86 -19.33
CA ALA A 176 -27.20 7.14 -18.64
C ALA A 176 -27.77 8.49 -19.02
N ARG A 177 -26.91 9.47 -19.32
CA ARG A 177 -27.39 10.77 -19.76
C ARG A 177 -28.13 10.66 -21.09
N THR A 178 -27.58 9.89 -22.03
CA THR A 178 -28.21 9.71 -23.33
C THR A 178 -29.54 8.98 -23.21
N LYS A 179 -29.58 7.94 -22.38
CA LYS A 179 -30.73 7.04 -22.35
C LYS A 179 -31.83 7.47 -21.40
N TRP A 180 -31.50 8.17 -20.31
CA TRP A 180 -32.47 8.41 -19.25
C TRP A 180 -32.65 9.86 -18.83
N LEU A 181 -31.72 10.76 -19.16
CA LEU A 181 -31.87 12.15 -18.74
C LEU A 181 -32.84 12.87 -19.68
N LYS A 182 -33.77 13.62 -19.10
CA LYS A 182 -34.69 14.42 -19.89
C LYS A 182 -33.93 15.52 -20.62
N GLU A 183 -34.59 16.08 -21.64
CA GLU A 183 -34.02 17.23 -22.34
C GLU A 183 -33.90 18.41 -21.38
N GLY A 184 -32.71 18.96 -21.27
CA GLY A 184 -32.47 20.05 -20.35
C GLY A 184 -32.29 19.63 -18.91
N GLY A 185 -32.02 18.35 -18.67
CA GLY A 185 -31.86 17.85 -17.32
C GLY A 185 -30.62 18.38 -16.63
N LEU A 186 -30.50 18.02 -15.37
CA LEU A 186 -29.41 18.48 -14.52
C LEU A 186 -28.38 17.36 -14.33
N LEU A 187 -27.11 17.75 -14.30
CA LEU A 187 -26.01 16.81 -14.08
C LEU A 187 -25.18 17.29 -12.88
N LEU A 188 -24.95 16.38 -11.94
CA LEU A 188 -24.24 16.69 -10.70
C LEU A 188 -23.15 15.66 -10.47
N PRO A 189 -21.87 16.01 -10.65
CA PRO A 189 -21.39 17.32 -11.11
C PRO A 189 -21.62 17.54 -12.60
N ALA A 190 -21.54 18.79 -13.04
CA ALA A 190 -21.80 19.12 -14.44
C ALA A 190 -20.55 19.13 -15.30
N SER A 191 -19.37 19.32 -14.71
CA SER A 191 -18.15 19.42 -15.48
C SER A 191 -16.96 18.98 -14.63
N ALA A 192 -15.87 18.65 -15.31
CA ALA A 192 -14.61 18.29 -14.68
C ALA A 192 -13.48 19.05 -15.36
N GLU A 193 -12.57 19.59 -14.56
CA GLU A 193 -11.46 20.41 -15.06
C GLU A 193 -10.14 19.75 -14.69
N LEU A 194 -9.27 19.57 -15.67
CA LEU A 194 -7.96 18.96 -15.48
C LEU A 194 -6.89 20.03 -15.33
N PHE A 195 -5.91 19.78 -14.48
CA PHE A 195 -4.84 20.73 -14.20
C PHE A 195 -3.48 20.03 -14.22
N VAL A 196 -2.45 20.80 -14.54
CA VAL A 196 -1.07 20.31 -14.57
C VAL A 196 -0.16 21.39 -14.01
N ALA A 197 0.94 20.96 -13.38
CA ALA A 197 1.95 21.88 -12.89
C ALA A 197 3.27 21.12 -12.78
N PRO A 198 4.40 21.74 -13.14
CA PRO A 198 5.69 21.09 -12.89
C PRO A 198 5.98 21.07 -11.40
N ILE A 199 6.68 20.01 -10.97
CA ILE A 199 6.87 19.76 -9.55
C ILE A 199 8.33 19.45 -9.24
N SER A 200 8.71 19.71 -8.00
CA SER A 200 9.96 19.24 -7.41
C SER A 200 9.54 18.43 -6.19
N ASP A 201 9.32 17.13 -6.40
CA ASP A 201 8.80 16.25 -5.35
C ASP A 201 9.82 16.13 -4.24
N GLN A 202 9.50 16.69 -3.07
CA GLN A 202 10.43 16.66 -1.95
C GLN A 202 10.58 15.26 -1.38
N MET A 203 9.53 14.43 -1.47
CA MET A 203 9.64 13.05 -1.02
C MET A 203 10.58 12.25 -1.91
N LEU A 204 10.48 12.46 -3.23
CA LEU A 204 11.40 11.80 -4.15
C LEU A 204 12.84 12.24 -3.91
N GLU A 205 13.04 13.54 -3.68
CA GLU A 205 14.37 14.04 -3.34
C GLU A 205 14.89 13.39 -2.06
N TRP A 206 13.99 13.10 -1.12
CA TRP A 206 14.38 12.40 0.10
C TRP A 206 14.83 10.98 -0.20
N ARG A 207 14.10 10.26 -1.06
CA ARG A 207 14.47 8.90 -1.39
C ARG A 207 15.71 8.84 -2.25
N LEU A 208 15.98 9.88 -3.03
CA LEU A 208 17.17 9.91 -3.87
C LEU A 208 18.42 10.24 -3.04
N GLY A 209 18.33 11.21 -2.14
CA GLY A 209 19.45 11.54 -1.29
C GLY A 209 19.67 10.60 -0.12
N PHE A 210 18.76 9.65 0.08
CA PHE A 210 18.87 8.70 1.19
C PHE A 210 20.22 7.98 1.17
N TRP A 211 20.70 7.65 -0.02
CA TRP A 211 21.95 6.87 -0.12
C TRP A 211 23.17 7.73 0.18
N SER A 212 23.09 9.04 -0.06
CA SER A 212 24.15 9.94 0.38
C SER A 212 24.09 10.22 1.87
N GLN A 213 23.03 9.79 2.56
CA GLN A 213 22.87 10.02 3.98
C GLN A 213 23.18 8.79 4.83
N VAL A 214 23.46 7.64 4.22
CA VAL A 214 23.71 6.42 4.99
C VAL A 214 24.98 6.54 5.82
N LYS A 215 26.04 7.14 5.24
CA LYS A 215 27.32 7.18 5.93
C LYS A 215 27.25 7.99 7.23
N GLN A 216 26.42 9.03 7.27
CA GLN A 216 26.30 9.82 8.51
C GLN A 216 25.73 8.99 9.64
N HIS A 217 24.82 8.07 9.33
CA HIS A 217 24.12 7.29 10.36
C HIS A 217 24.83 5.98 10.69
N TYR A 218 25.26 5.22 9.67
CA TYR A 218 25.81 3.89 9.88
C TYR A 218 27.29 3.76 9.53
N GLY A 219 27.89 4.78 8.93
CA GLY A 219 29.30 4.75 8.62
C GLY A 219 29.67 4.07 7.31
N VAL A 220 28.70 3.73 6.48
CA VAL A 220 28.94 3.08 5.20
C VAL A 220 28.58 4.06 4.10
N ASP A 221 29.57 4.43 3.28
CA ASP A 221 29.32 5.34 2.18
C ASP A 221 28.57 4.61 1.06
N MET A 222 27.38 5.11 0.73
CA MET A 222 26.56 4.49 -0.30
C MET A 222 26.08 5.53 -1.32
N SER A 223 26.81 6.64 -1.47
CA SER A 223 26.40 7.68 -2.41
C SER A 223 26.42 7.19 -3.86
N CYS A 224 27.17 6.13 -4.16
CA CYS A 224 27.17 5.56 -5.51
C CYS A 224 25.85 4.89 -5.86
N MET A 225 24.94 4.74 -4.90
CA MET A 225 23.61 4.20 -5.19
C MET A 225 22.67 5.25 -5.76
N GLU A 226 23.01 6.53 -5.64
CA GLU A 226 22.09 7.60 -6.03
C GLU A 226 21.79 7.55 -7.53
N SER A 227 22.81 7.27 -8.34
CA SER A 227 22.59 7.16 -9.78
C SER A 227 21.68 5.98 -10.10
N PHE A 228 21.86 4.87 -9.38
CA PHE A 228 21.03 3.69 -9.60
C PHE A 228 19.61 3.90 -9.08
N ALA A 229 19.47 4.57 -7.94
CA ALA A 229 18.15 4.82 -7.39
C ALA A 229 17.33 5.78 -8.27
N THR A 230 18.00 6.72 -8.93
CA THR A 230 17.29 7.65 -9.81
C THR A 230 16.67 6.93 -11.00
N ARG A 231 17.41 5.98 -11.58
CA ARG A 231 16.89 5.24 -12.73
C ARG A 231 15.71 4.36 -12.33
N CYS A 232 15.74 3.80 -11.12
CA CYS A 232 14.68 2.92 -10.67
C CYS A 232 13.42 3.69 -10.29
N LEU A 233 13.58 4.87 -9.70
CA LEU A 233 12.43 5.65 -9.25
C LEU A 233 11.90 6.60 -10.30
N MET A 234 12.67 6.90 -11.34
CA MET A 234 12.26 7.87 -12.35
C MET A 234 12.25 7.33 -13.78
N GLY A 235 13.04 6.30 -14.08
CA GLY A 235 13.11 5.77 -15.43
C GLY A 235 11.91 4.96 -15.88
N HIS A 236 11.06 4.55 -14.95
CA HIS A 236 9.87 3.79 -15.28
C HIS A 236 8.88 4.64 -16.07
N SER A 237 7.83 4.00 -16.56
CA SER A 237 6.78 4.67 -17.33
C SER A 237 5.42 4.46 -16.68
N GLU A 238 5.37 4.51 -15.37
CA GLU A 238 4.13 4.36 -14.62
C GLU A 238 3.62 5.71 -14.13
N ILE A 239 2.31 5.81 -13.95
CA ILE A 239 1.71 6.93 -13.25
C ILE A 239 1.76 6.63 -11.75
N VAL A 240 2.33 7.56 -10.98
CA VAL A 240 2.49 7.39 -9.55
C VAL A 240 1.44 8.24 -8.84
N VAL A 241 0.64 7.60 -8.00
CA VAL A 241 -0.39 8.29 -7.22
C VAL A 241 0.22 8.63 -5.87
N GLN A 242 0.39 9.93 -5.62
CA GLN A 242 0.96 10.43 -4.39
C GLN A 242 0.45 11.85 -4.17
N ASP A 243 0.29 12.23 -2.91
CA ASP A 243 -0.20 13.56 -2.57
C ASP A 243 0.98 14.48 -2.31
N LEU A 244 0.98 15.63 -2.99
CA LEU A 244 2.01 16.64 -2.84
C LEU A 244 1.48 17.80 -2.00
N SER A 245 2.40 18.67 -1.60
CA SER A 245 2.07 19.90 -0.90
C SER A 245 2.40 21.09 -1.79
N GLY A 246 2.04 22.29 -1.31
CA GLY A 246 2.35 23.52 -2.03
C GLY A 246 3.84 23.74 -2.26
N GLU A 247 4.70 23.19 -1.39
CA GLU A 247 6.15 23.30 -1.57
C GLU A 247 6.64 22.56 -2.81
N ASP A 248 5.89 21.55 -3.28
CA ASP A 248 6.30 20.78 -4.45
C ASP A 248 6.00 21.49 -5.76
N VAL A 249 5.03 22.40 -5.78
CA VAL A 249 4.59 23.05 -7.01
C VAL A 249 5.64 24.05 -7.44
N LEU A 250 6.12 23.90 -8.69
CA LEU A 250 7.23 24.70 -9.19
C LEU A 250 6.79 25.85 -10.09
N ALA A 251 5.57 25.80 -10.63
CA ALA A 251 5.04 26.90 -11.43
C ALA A 251 3.53 26.96 -11.26
N ARG A 252 2.95 28.02 -11.79
CA ARG A 252 1.51 28.25 -11.67
C ARG A 252 0.75 27.11 -12.34
N PRO A 253 -0.16 26.43 -11.63
CA PRO A 253 -0.91 25.32 -12.24
C PRO A 253 -1.69 25.79 -13.46
N GLN A 254 -1.64 24.98 -14.52
CA GLN A 254 -2.28 25.30 -15.79
C GLN A 254 -3.46 24.36 -16.01
N ARG A 255 -4.60 24.94 -16.37
CA ARG A 255 -5.80 24.18 -16.70
C ARG A 255 -5.74 23.84 -18.18
N PHE A 256 -5.62 22.55 -18.50
CA PHE A 256 -5.34 22.12 -19.86
C PHE A 256 -6.49 21.39 -20.53
N ALA A 257 -7.60 21.15 -19.83
CA ALA A 257 -8.74 20.48 -20.44
C ALA A 257 -9.97 20.70 -19.58
N GLN A 258 -11.13 20.67 -20.22
CA GLN A 258 -12.41 20.80 -19.53
C GLN A 258 -13.42 19.87 -20.19
N LEU A 259 -14.13 19.09 -19.38
CA LEU A 259 -15.09 18.10 -19.84
C LEU A 259 -16.47 18.51 -19.35
N GLU A 260 -17.35 18.91 -20.28
CA GLU A 260 -18.73 19.25 -19.97
C GLU A 260 -19.57 18.00 -20.21
N LEU A 261 -20.12 17.42 -19.13
CA LEU A 261 -20.79 16.14 -19.19
C LEU A 261 -22.09 16.18 -20.00
N ALA A 262 -22.63 17.36 -20.30
CA ALA A 262 -23.83 17.49 -21.10
C ALA A 262 -23.57 17.43 -22.59
N ARG A 263 -22.32 17.61 -23.03
CA ARG A 263 -22.01 17.59 -24.45
C ARG A 263 -22.17 16.19 -25.00
N ALA A 264 -23.01 16.05 -26.04
CA ALA A 264 -22.99 14.83 -26.83
C ALA A 264 -21.75 14.82 -27.72
N GLY A 265 -21.11 13.65 -27.82
CA GLY A 265 -19.85 13.52 -28.50
C GLY A 265 -18.65 13.50 -27.60
N LEU A 266 -18.81 13.92 -26.33
CA LEU A 266 -17.78 13.69 -25.33
C LEU A 266 -17.45 12.20 -25.21
N GLU A 267 -18.43 11.34 -25.49
CA GLU A 267 -18.19 9.90 -25.46
C GLU A 267 -17.11 9.51 -26.47
N GLN A 268 -17.25 9.96 -27.72
CA GLN A 268 -16.28 9.61 -28.74
C GLN A 268 -14.91 10.24 -28.47
N GLU A 269 -14.89 11.42 -27.83
CA GLU A 269 -13.63 12.09 -27.55
C GLU A 269 -12.84 11.41 -26.43
N LEU A 270 -13.51 10.64 -25.57
CA LEU A 270 -12.78 9.83 -24.59
C LEU A 270 -11.94 8.77 -25.29
N GLU A 271 -12.48 8.19 -26.37
CA GLU A 271 -11.73 7.19 -27.12
C GLU A 271 -10.56 7.82 -27.86
N ALA A 272 -10.76 9.01 -28.43
CA ALA A 272 -9.67 9.69 -29.13
C ALA A 272 -8.63 10.25 -28.16
N GLY A 273 -9.05 10.56 -26.93
CA GLY A 273 -8.14 11.12 -25.95
C GLY A 273 -8.58 12.49 -25.47
N VAL A 274 -8.39 12.77 -24.19
CA VAL A 274 -8.79 14.03 -23.58
C VAL A 274 -7.55 14.72 -23.02
N GLY A 275 -7.39 15.99 -23.34
CA GLY A 275 -6.27 16.74 -22.81
C GLY A 275 -6.12 18.07 -23.53
N GLY A 276 -4.92 18.62 -23.48
CA GLY A 276 -4.65 19.89 -24.11
C GLY A 276 -3.23 20.33 -23.87
N ARG A 277 -2.95 21.56 -24.26
CA ARG A 277 -1.60 22.11 -24.19
C ARG A 277 -1.46 23.08 -23.03
N PHE A 278 -0.22 23.32 -22.63
CA PHE A 278 0.05 24.18 -21.48
C PHE A 278 1.38 24.91 -21.65
N ARG A 279 1.53 25.97 -20.86
CA ARG A 279 2.79 26.71 -20.78
C ARG A 279 2.86 27.36 -19.41
N CYS A 280 4.05 27.33 -18.80
CA CYS A 280 4.24 27.92 -17.49
C CYS A 280 5.67 28.40 -17.35
N SER A 281 5.90 29.20 -16.31
CA SER A 281 7.23 29.72 -16.00
C SER A 281 7.57 29.36 -14.56
N CYS A 282 8.76 28.81 -14.35
CA CYS A 282 9.12 28.26 -13.04
C CYS A 282 9.28 29.37 -12.01
N TYR A 283 8.80 29.08 -10.79
CA TYR A 283 8.93 30.05 -9.69
C TYR A 283 10.40 30.37 -9.40
N GLY A 284 11.24 29.35 -9.34
CA GLY A 284 12.62 29.55 -9.03
C GLY A 284 13.47 28.35 -9.37
N SER A 285 14.68 28.32 -8.78
CA SER A 285 15.64 27.27 -9.07
C SER A 285 15.36 26.04 -8.21
N ALA A 286 15.21 24.90 -8.87
CA ALA A 286 14.94 23.62 -8.22
C ALA A 286 15.05 22.51 -9.27
N PRO A 287 15.30 21.28 -8.84
CA PRO A 287 15.30 20.17 -9.80
C PRO A 287 13.89 19.84 -10.27
N LEU A 288 13.70 19.83 -11.58
CA LEU A 288 12.43 19.43 -12.18
C LEU A 288 12.35 17.91 -12.24
N HIS A 289 11.41 17.34 -11.50
CA HIS A 289 11.22 15.89 -11.50
C HIS A 289 10.16 15.43 -12.50
N GLY A 290 9.24 16.29 -12.88
CA GLY A 290 8.17 15.93 -13.79
C GLY A 290 6.93 16.81 -13.62
N PHE A 291 5.76 16.19 -13.66
CA PHE A 291 4.52 16.96 -13.59
C PHE A 291 3.51 16.25 -12.70
N ALA A 292 2.67 17.05 -12.05
CA ALA A 292 1.54 16.55 -11.29
C ALA A 292 0.24 16.89 -12.02
N VAL A 293 -0.60 15.89 -12.24
CA VAL A 293 -1.90 16.07 -12.89
C VAL A 293 -2.99 15.78 -11.88
N TRP A 294 -3.93 16.71 -11.72
CA TRP A 294 -5.07 16.54 -10.84
C TRP A 294 -6.30 17.10 -11.52
N PHE A 295 -7.43 17.00 -10.83
CA PHE A 295 -8.71 17.40 -11.42
C PHE A 295 -9.56 18.10 -10.39
N GLN A 296 -10.64 18.72 -10.87
CA GLN A 296 -11.71 19.22 -10.02
C GLN A 296 -13.03 18.99 -10.75
N VAL A 297 -14.12 18.94 -10.00
CA VAL A 297 -15.46 18.83 -10.55
C VAL A 297 -16.28 20.01 -10.07
N THR A 298 -17.12 20.53 -10.96
CA THR A 298 -17.91 21.73 -10.70
C THR A 298 -19.39 21.36 -10.64
N PHE A 299 -20.04 21.75 -9.54
CA PHE A 299 -21.48 21.61 -9.37
C PHE A 299 -22.19 22.90 -9.76
N PRO A 300 -23.30 22.82 -10.48
CA PRO A 300 -24.10 24.03 -10.74
C PRO A 300 -24.68 24.55 -9.44
N GLY A 301 -24.28 25.76 -9.07
CA GLY A 301 -24.69 26.37 -7.81
C GLY A 301 -25.75 27.44 -7.99
N PRO A 307 -20.62 28.82 -7.61
CA PRO A 307 -20.36 27.47 -8.08
C PRO A 307 -19.46 26.67 -7.15
N LEU A 308 -19.98 25.58 -6.60
CA LEU A 308 -19.19 24.74 -5.71
C LEU A 308 -18.19 23.91 -6.50
N VAL A 309 -16.97 23.84 -6.00
CA VAL A 309 -15.88 23.12 -6.63
C VAL A 309 -15.33 22.10 -5.65
N LEU A 310 -15.20 20.84 -6.10
CA LEU A 310 -14.49 19.79 -5.37
C LEU A 310 -13.15 19.59 -6.06
N SER A 311 -12.07 20.04 -5.41
CA SER A 311 -10.74 20.03 -5.99
C SER A 311 -9.87 18.96 -5.36
N THR A 312 -8.99 18.38 -6.18
CA THR A 312 -7.96 17.45 -5.74
C THR A 312 -6.57 18.04 -5.89
N SER A 313 -6.48 19.38 -5.88
CA SER A 313 -5.22 20.08 -6.05
C SER A 313 -4.35 19.93 -4.80
N PRO A 314 -3.03 19.90 -4.97
CA PRO A 314 -2.14 19.92 -3.80
C PRO A 314 -2.22 21.20 -2.99
N LEU A 315 -2.70 22.29 -3.58
CA LEU A 315 -2.86 23.56 -2.86
C LEU A 315 -4.13 23.59 -2.02
N HIS A 316 -4.97 22.58 -2.11
CA HIS A 316 -6.24 22.50 -1.40
C HIS A 316 -6.26 21.25 -0.54
N PRO A 317 -7.16 21.19 0.46
CA PRO A 317 -7.17 20.05 1.38
C PRO A 317 -7.18 18.71 0.66
N ALA A 318 -6.50 17.74 1.25
CA ALA A 318 -6.22 16.47 0.61
C ALA A 318 -7.50 15.63 0.45
N THR A 319 -7.50 14.80 -0.57
CA THR A 319 -8.53 13.80 -0.81
C THR A 319 -7.85 12.45 -1.03
N HIS A 320 -8.66 11.42 -1.27
CA HIS A 320 -8.10 10.09 -1.51
C HIS A 320 -7.53 9.94 -2.91
N TRP A 321 -7.90 10.83 -3.84
CA TRP A 321 -7.35 10.75 -5.19
C TRP A 321 -5.88 11.19 -5.22
N LYS A 322 -5.50 12.07 -4.30
CA LYS A 322 -4.14 12.62 -4.23
C LYS A 322 -3.87 13.31 -5.58
N GLN A 323 -2.72 13.08 -6.21
CA GLN A 323 -2.46 13.57 -7.56
C GLN A 323 -1.74 12.47 -8.33
N ALA A 324 -1.75 12.62 -9.65
CA ALA A 324 -1.10 11.68 -10.56
C ALA A 324 0.25 12.26 -10.98
N LEU A 325 1.34 11.61 -10.57
CA LEU A 325 2.68 12.12 -10.81
C LEU A 325 3.28 11.50 -12.06
N LEU A 326 3.77 12.35 -12.96
CA LEU A 326 4.46 11.93 -14.18
C LEU A 326 5.92 12.32 -14.03
N TYR A 327 6.77 11.34 -13.73
CA TYR A 327 8.19 11.59 -13.52
C TYR A 327 8.95 11.55 -14.83
N LEU A 328 9.88 12.48 -15.00
CA LEU A 328 10.83 12.40 -16.10
C LEU A 328 11.86 11.29 -15.81
N ASN A 329 12.69 10.99 -16.81
CA ASN A 329 13.67 9.94 -16.64
C ASN A 329 14.77 10.36 -15.66
N GLU A 330 15.16 11.63 -15.68
CA GLU A 330 16.17 12.17 -14.80
C GLU A 330 15.70 13.54 -14.32
N PRO A 331 16.21 14.00 -13.18
CA PRO A 331 15.94 15.39 -12.77
C PRO A 331 16.56 16.37 -13.75
N VAL A 332 15.87 17.48 -13.98
CA VAL A 332 16.31 18.51 -14.90
C VAL A 332 16.48 19.81 -14.09
N PRO A 333 17.67 20.40 -14.06
CA PRO A 333 17.83 21.71 -13.42
C PRO A 333 17.03 22.78 -14.16
N VAL A 334 16.28 23.57 -13.39
CA VAL A 334 15.58 24.72 -13.92
C VAL A 334 15.81 25.89 -12.97
N GLU A 335 15.58 27.11 -13.48
CA GLU A 335 15.79 28.34 -12.74
C GLU A 335 14.52 29.18 -12.80
N GLN A 336 14.55 30.34 -12.16
CA GLN A 336 13.42 31.26 -12.20
C GLN A 336 13.16 31.70 -13.63
N ASP A 337 11.87 31.75 -13.99
CA ASP A 337 11.40 32.14 -15.32
C ASP A 337 11.80 31.16 -16.41
N THR A 338 12.15 29.92 -16.04
CA THR A 338 12.37 28.90 -17.05
C THR A 338 11.03 28.48 -17.65
N ASP A 339 10.95 28.49 -18.98
CA ASP A 339 9.71 28.22 -19.67
C ASP A 339 9.54 26.72 -19.90
N ILE A 340 8.39 26.20 -19.47
CA ILE A 340 8.02 24.81 -19.69
C ILE A 340 6.70 24.78 -20.43
N SER A 341 6.68 24.19 -21.62
CA SER A 341 5.48 24.06 -22.42
C SER A 341 5.32 22.62 -22.86
N GLY A 342 4.10 22.26 -23.26
CA GLY A 342 3.86 20.93 -23.75
C GLY A 342 2.38 20.61 -23.88
N GLU A 343 2.09 19.32 -23.92
CA GLU A 343 0.73 18.83 -24.13
C GLU A 343 0.58 17.48 -23.44
N ILE A 344 -0.61 17.24 -22.88
CA ILE A 344 -0.91 16.04 -22.13
C ILE A 344 -2.24 15.47 -22.62
N THR A 345 -2.28 14.16 -22.86
CA THR A 345 -3.47 13.49 -23.36
C THR A 345 -3.82 12.32 -22.45
N LEU A 346 -5.05 12.29 -21.97
CA LEU A 346 -5.55 11.18 -21.16
C LEU A 346 -6.26 10.19 -22.08
N LEU A 347 -5.73 8.97 -22.14
CA LEU A 347 -6.17 7.98 -23.11
C LEU A 347 -6.51 6.66 -22.43
N PRO A 348 -7.37 5.85 -23.04
CA PRO A 348 -7.56 4.48 -22.57
C PRO A 348 -6.41 3.61 -23.05
N SER A 349 -5.97 2.71 -22.17
CA SER A 349 -4.91 1.78 -22.55
C SER A 349 -5.42 0.86 -23.66
N PRO A 350 -4.60 0.60 -24.69
CA PRO A 350 -5.06 -0.27 -25.78
C PRO A 350 -5.37 -1.69 -25.32
N ASP A 351 -4.68 -2.17 -24.28
CA ASP A 351 -4.99 -3.47 -23.72
C ASP A 351 -6.30 -3.44 -22.92
N ASN A 352 -6.44 -2.48 -22.02
CA ASN A 352 -7.59 -2.38 -21.13
C ASN A 352 -8.20 -0.99 -21.25
N PRO A 353 -9.42 -0.87 -21.79
CA PRO A 353 -10.04 0.46 -21.94
C PRO A 353 -10.40 1.13 -20.62
N ARG A 354 -10.22 0.46 -19.49
CA ARG A 354 -10.44 1.06 -18.18
C ARG A 354 -9.17 1.57 -17.53
N ARG A 355 -8.00 1.28 -18.13
CA ARG A 355 -6.71 1.64 -17.56
C ARG A 355 -6.23 2.94 -18.18
N LEU A 356 -5.91 3.92 -17.35
CA LEU A 356 -5.56 5.24 -17.84
C LEU A 356 -4.16 5.24 -18.42
N ARG A 357 -4.02 5.79 -19.63
CA ARG A 357 -2.74 6.05 -20.25
C ARG A 357 -2.60 7.55 -20.48
N ILE A 358 -1.42 8.10 -20.20
CA ILE A 358 -1.17 9.53 -20.35
C ILE A 358 0.07 9.71 -21.23
N LEU A 359 -0.12 10.33 -22.39
CA LEU A 359 0.97 10.63 -23.30
C LEU A 359 1.45 12.06 -23.01
N LEU A 360 2.69 12.18 -22.56
CA LEU A 360 3.28 13.46 -22.23
C LEU A 360 4.18 13.94 -23.36
N ARG A 361 4.07 15.21 -23.71
CA ARG A 361 4.97 15.87 -24.65
C ARG A 361 5.36 17.20 -24.02
N TYR A 362 6.66 17.43 -23.83
CA TYR A 362 7.07 18.60 -23.07
C TYR A 362 8.37 19.18 -23.64
N LYS A 363 8.62 20.43 -23.30
CA LYS A 363 9.87 21.10 -23.66
C LYS A 363 10.27 22.03 -22.53
N VAL A 364 11.52 21.90 -22.07
CA VAL A 364 12.04 22.69 -20.96
C VAL A 364 13.05 23.67 -21.53
N GLY A 365 12.72 24.97 -21.49
CA GLY A 365 13.61 26.01 -21.95
C GLY A 365 14.10 25.81 -23.38
N ASP A 366 15.41 25.75 -23.55
CA ASP A 366 16.02 25.53 -24.86
C ASP A 366 16.29 24.05 -25.16
N HIS A 367 15.99 23.16 -24.21
CA HIS A 367 16.15 21.74 -24.48
C HIS A 367 15.21 21.29 -25.58
N GLU A 368 15.60 20.22 -26.28
CA GLU A 368 14.78 19.70 -27.36
C GLU A 368 13.54 19.01 -26.78
N GLU A 369 12.43 19.10 -27.51
CA GLU A 369 11.17 18.56 -27.03
C GLU A 369 11.25 17.04 -26.89
N LYS A 370 10.81 16.55 -25.73
CA LYS A 370 10.81 15.13 -25.42
C LYS A 370 9.37 14.66 -25.21
N THR A 371 9.20 13.34 -25.18
CA THR A 371 7.91 12.73 -24.92
C THR A 371 8.11 11.57 -23.95
N LYS A 372 7.02 11.18 -23.29
CA LYS A 372 7.03 10.02 -22.42
C LYS A 372 5.61 9.46 -22.33
N ASP A 373 5.51 8.14 -22.27
CA ASP A 373 4.23 7.43 -22.36
C ASP A 373 3.99 6.72 -21.04
N PHE A 374 3.01 7.19 -20.27
CA PHE A 374 2.72 6.67 -18.94
C PHE A 374 1.46 5.82 -18.95
N ALA A 375 1.42 4.88 -18.01
CA ALA A 375 0.23 4.08 -17.74
C ALA A 375 0.08 3.94 -16.23
N MET A 376 -1.17 3.74 -15.79
CA MET A 376 -1.44 3.63 -14.35
C MET A 376 -0.96 2.30 -13.81
N TYR B 54 14.49 -7.78 -6.42
CA TYR B 54 15.54 -7.27 -5.55
C TYR B 54 16.63 -6.53 -6.35
N SER B 55 16.48 -6.54 -7.67
CA SER B 55 17.26 -5.66 -8.53
C SER B 55 16.71 -4.24 -8.52
N ASP B 56 15.62 -3.99 -7.81
CA ASP B 56 15.04 -2.67 -7.66
C ASP B 56 15.48 -2.06 -6.32
N VAL B 57 15.44 -0.74 -6.26
CA VAL B 57 16.04 -0.03 -5.12
C VAL B 57 15.11 -0.01 -3.91
N SER B 58 13.79 -0.10 -4.13
CA SER B 58 12.84 0.19 -3.05
C SER B 58 12.96 -0.81 -1.91
N VAL B 59 13.18 -2.08 -2.21
CA VAL B 59 13.22 -3.10 -1.16
C VAL B 59 14.49 -2.94 -0.31
N HIS B 60 15.61 -2.56 -0.94
CA HIS B 60 16.82 -2.32 -0.17
C HIS B 60 16.73 -1.02 0.60
N GLU B 61 16.10 -0.01 0.01
CA GLU B 61 15.85 1.24 0.73
C GLU B 61 14.94 1.01 1.93
N GLU B 62 13.92 0.15 1.76
CA GLU B 62 13.03 -0.17 2.88
C GLU B 62 13.77 -0.92 3.98
N MET B 63 14.65 -1.85 3.61
CA MET B 63 15.39 -2.62 4.60
C MET B 63 16.33 -1.73 5.41
N ILE B 64 17.07 -0.84 4.73
CA ILE B 64 18.06 -0.03 5.43
C ILE B 64 17.40 1.11 6.18
N ALA B 65 16.28 1.64 5.68
CA ALA B 65 15.56 2.68 6.41
C ALA B 65 14.91 2.15 7.68
N ASP B 66 14.73 0.83 7.78
CA ASP B 66 14.29 0.22 9.03
C ASP B 66 15.42 0.34 10.06
N GLN B 67 15.37 1.39 10.88
CA GLN B 67 16.47 1.68 11.79
C GLN B 67 16.62 0.59 12.85
N VAL B 68 15.49 0.11 13.41
CA VAL B 68 15.56 -0.93 14.42
C VAL B 68 16.23 -2.18 13.87
N ARG B 69 15.88 -2.56 12.64
CA ARG B 69 16.48 -3.75 12.04
C ARG B 69 17.97 -3.53 11.74
N THR B 70 18.29 -2.45 11.04
CA THR B 70 19.66 -2.23 10.59
C THR B 70 20.61 -2.00 11.77
N GLU B 71 20.16 -1.26 12.79
CA GLU B 71 21.01 -1.03 13.95
C GLU B 71 21.19 -2.31 14.76
N ALA B 72 20.18 -3.18 14.80
CA ALA B 72 20.33 -4.44 15.52
C ALA B 72 21.34 -5.34 14.84
N TYR B 73 21.30 -5.42 13.51
CA TYR B 73 22.30 -6.20 12.78
C TYR B 73 23.69 -5.60 12.95
N ARG B 74 23.79 -4.28 12.91
CA ARG B 74 25.08 -3.62 13.09
C ARG B 74 25.68 -3.97 14.45
N LEU B 75 24.87 -3.97 15.51
CA LEU B 75 25.39 -4.24 16.85
C LEU B 75 25.66 -5.73 17.05
N GLY B 76 24.78 -6.60 16.54
CA GLY B 76 25.06 -8.03 16.63
C GLY B 76 26.35 -8.42 15.96
N ILE B 77 26.74 -7.68 14.91
CA ILE B 77 28.01 -7.93 14.25
C ILE B 77 29.15 -7.29 15.03
N LEU B 78 29.01 -6.01 15.38
CA LEU B 78 30.12 -5.29 16.00
C LEU B 78 30.43 -5.82 17.40
N LYS B 79 29.41 -6.21 18.16
CA LYS B 79 29.64 -6.76 19.48
C LYS B 79 30.32 -8.13 19.43
N ASN B 80 30.33 -8.80 18.28
CA ASN B 80 31.08 -10.03 18.07
C ASN B 80 32.45 -9.77 17.46
N TRP B 81 33.07 -8.64 17.80
CA TRP B 81 34.39 -8.32 17.27
C TRP B 81 35.43 -9.37 17.66
N ALA B 82 35.36 -9.88 18.90
CA ALA B 82 36.35 -10.84 19.36
C ALA B 82 36.29 -12.13 18.58
N ALA B 83 35.07 -12.57 18.22
CA ALA B 83 34.90 -13.80 17.47
C ALA B 83 35.16 -13.62 15.97
N LEU B 84 35.05 -12.39 15.45
CA LEU B 84 35.23 -12.13 14.04
C LEU B 84 36.63 -11.62 13.69
N ARG B 85 37.43 -11.21 14.67
CA ARG B 85 38.73 -10.64 14.39
C ARG B 85 39.64 -11.67 13.73
N GLY B 86 40.11 -11.34 12.52
CA GLY B 86 40.98 -12.23 11.78
C GLY B 86 40.29 -13.41 11.13
N LYS B 87 38.96 -13.47 11.18
CA LYS B 87 38.21 -14.59 10.65
C LYS B 87 37.56 -14.21 9.32
N THR B 88 36.97 -15.22 8.67
CA THR B 88 36.31 -15.06 7.39
C THR B 88 34.80 -15.19 7.57
N VAL B 89 34.05 -14.42 6.76
CA VAL B 89 32.61 -14.31 6.87
C VAL B 89 31.98 -14.55 5.51
N LEU B 90 30.84 -15.23 5.49
CA LEU B 90 30.01 -15.39 4.30
C LEU B 90 28.72 -14.61 4.49
N ASP B 91 28.42 -13.72 3.55
CA ASP B 91 27.21 -12.91 3.59
C ASP B 91 26.24 -13.47 2.55
N VAL B 92 25.22 -14.19 3.03
CA VAL B 92 24.25 -14.84 2.16
C VAL B 92 23.16 -13.85 1.82
N GLY B 93 23.09 -13.45 0.55
CA GLY B 93 22.16 -12.42 0.12
C GLY B 93 22.59 -11.04 0.59
N ALA B 94 23.82 -10.65 0.24
CA ALA B 94 24.40 -9.42 0.76
C ALA B 94 23.67 -8.17 0.29
N GLY B 95 22.94 -8.23 -0.82
CA GLY B 95 22.24 -7.08 -1.34
C GLY B 95 23.18 -5.95 -1.73
N THR B 96 23.13 -4.86 -0.97
CA THR B 96 24.02 -3.72 -1.18
C THR B 96 25.37 -3.86 -0.51
N GLY B 97 25.55 -4.87 0.36
CA GLY B 97 26.82 -5.11 0.98
C GLY B 97 27.06 -4.38 2.29
N ILE B 98 26.03 -3.78 2.87
CA ILE B 98 26.23 -2.98 4.08
C ILE B 98 26.60 -3.88 5.26
N LEU B 99 26.04 -5.09 5.31
CA LEU B 99 26.36 -6.00 6.41
C LEU B 99 27.79 -6.53 6.30
N SER B 100 28.25 -6.74 5.06
CA SER B 100 29.63 -7.18 4.86
C SER B 100 30.64 -6.14 5.32
N ILE B 101 30.27 -4.86 5.25
CA ILE B 101 31.17 -3.80 5.70
C ILE B 101 31.15 -3.68 7.22
N PHE B 102 29.99 -3.93 7.85
CA PHE B 102 29.96 -4.02 9.31
C PHE B 102 30.89 -5.10 9.81
N CYS B 103 30.92 -6.26 9.13
CA CYS B 103 31.79 -7.35 9.54
C CYS B 103 33.26 -6.98 9.36
N ALA B 104 33.58 -6.17 8.35
CA ALA B 104 34.96 -5.71 8.18
C ALA B 104 35.37 -4.79 9.33
N GLN B 105 34.52 -3.81 9.67
CA GLN B 105 34.82 -2.93 10.78
C GLN B 105 34.95 -3.68 12.09
N ALA B 106 34.18 -4.77 12.26
CA ALA B 106 34.29 -5.62 13.44
C ALA B 106 35.59 -6.40 13.49
N GLY B 107 36.33 -6.51 12.38
CA GLY B 107 37.67 -7.07 12.43
C GLY B 107 37.90 -8.28 11.54
N ALA B 108 36.93 -8.61 10.69
CA ALA B 108 37.05 -9.77 9.84
C ALA B 108 38.19 -9.59 8.84
N ARG B 109 38.97 -10.66 8.64
CA ARG B 109 40.05 -10.61 7.67
C ARG B 109 39.54 -10.76 6.24
N ARG B 110 38.36 -11.33 6.04
CA ARG B 110 37.81 -11.47 4.70
C ARG B 110 36.30 -11.70 4.80
N VAL B 111 35.56 -11.15 3.85
CA VAL B 111 34.11 -11.35 3.78
C VAL B 111 33.75 -11.64 2.32
N TYR B 112 33.06 -12.75 2.08
CA TYR B 112 32.56 -13.09 0.76
C TYR B 112 31.08 -12.72 0.71
N ALA B 113 30.75 -11.72 -0.11
CA ALA B 113 29.38 -11.20 -0.19
C ALA B 113 28.72 -11.79 -1.44
N VAL B 114 27.93 -12.84 -1.25
CA VAL B 114 27.26 -13.52 -2.35
C VAL B 114 25.87 -12.92 -2.52
N GLU B 115 25.55 -12.50 -3.74
CA GLU B 115 24.26 -11.90 -4.06
C GLU B 115 23.83 -12.35 -5.45
N ALA B 116 22.56 -12.76 -5.57
CA ALA B 116 22.08 -13.37 -6.80
C ALA B 116 21.43 -12.39 -7.76
N SER B 117 20.88 -11.29 -7.28
CA SER B 117 20.23 -10.32 -8.15
C SER B 117 21.24 -9.33 -8.71
N ALA B 118 20.78 -8.51 -9.67
CA ALA B 118 21.63 -7.52 -10.32
C ALA B 118 22.15 -6.44 -9.37
N ILE B 119 21.62 -6.36 -8.15
CA ILE B 119 22.12 -5.40 -7.16
C ILE B 119 23.55 -5.69 -6.73
N TRP B 120 24.10 -6.86 -7.08
CA TRP B 120 25.50 -7.15 -6.76
C TRP B 120 26.47 -6.18 -7.42
N GLN B 121 26.07 -5.54 -8.53
CA GLN B 121 26.93 -4.55 -9.15
C GLN B 121 27.01 -3.27 -8.32
N GLN B 122 25.93 -2.93 -7.61
CA GLN B 122 25.98 -1.79 -6.71
C GLN B 122 26.82 -2.11 -5.47
N ALA B 123 26.66 -3.31 -4.92
CA ALA B 123 27.49 -3.72 -3.79
C ALA B 123 28.96 -3.74 -4.17
N ARG B 124 29.27 -4.18 -5.39
CA ARG B 124 30.64 -4.12 -5.89
C ARG B 124 31.16 -2.69 -5.88
N GLU B 125 30.30 -1.73 -6.25
CA GLU B 125 30.71 -0.32 -6.22
C GLU B 125 30.83 0.19 -4.79
N VAL B 126 29.89 -0.20 -3.92
CA VAL B 126 29.90 0.28 -2.54
C VAL B 126 31.17 -0.15 -1.82
N VAL B 127 31.56 -1.41 -2.01
CA VAL B 127 32.77 -1.92 -1.37
C VAL B 127 34.00 -1.17 -1.87
N ARG B 128 34.06 -0.91 -3.18
CA ARG B 128 35.16 -0.12 -3.73
C ARG B 128 35.15 1.30 -3.19
N LEU B 129 33.96 1.90 -3.07
CA LEU B 129 33.87 3.27 -2.58
C LEU B 129 34.33 3.39 -1.14
N ASN B 130 34.22 2.30 -0.37
CA ASN B 130 34.68 2.29 1.01
C ASN B 130 36.11 1.78 1.16
N GLY B 131 36.82 1.60 0.05
CA GLY B 131 38.19 1.12 0.09
C GLY B 131 38.34 -0.22 0.78
N LEU B 132 37.49 -1.18 0.43
CA LEU B 132 37.45 -2.47 1.12
C LEU B 132 37.41 -3.66 0.17
N GLU B 133 37.69 -3.47 -1.12
CA GLU B 133 37.71 -4.60 -2.05
C GLU B 133 38.86 -5.55 -1.78
N ASP B 134 39.83 -5.17 -0.94
CA ASP B 134 40.93 -6.07 -0.60
C ASP B 134 40.47 -7.19 0.32
N ARG B 135 39.51 -6.91 1.21
CA ARG B 135 39.03 -7.89 2.16
C ARG B 135 37.54 -8.18 2.07
N VAL B 136 36.79 -7.47 1.22
CA VAL B 136 35.38 -7.77 0.98
C VAL B 136 35.22 -8.00 -0.52
N HIS B 137 34.77 -9.21 -0.88
CA HIS B 137 34.69 -9.63 -2.28
C HIS B 137 33.26 -10.01 -2.60
N VAL B 138 32.63 -9.24 -3.51
CA VAL B 138 31.26 -9.51 -3.93
C VAL B 138 31.29 -10.56 -5.04
N LEU B 139 30.56 -11.65 -4.85
CA LEU B 139 30.52 -12.75 -5.81
C LEU B 139 29.10 -12.91 -6.33
N PRO B 140 28.87 -12.79 -7.63
CA PRO B 140 27.51 -12.88 -8.15
C PRO B 140 27.02 -14.32 -8.16
N GLY B 141 25.69 -14.46 -8.17
CA GLY B 141 25.06 -15.75 -8.33
C GLY B 141 24.46 -16.27 -7.04
N PRO B 142 23.73 -17.38 -7.12
CA PRO B 142 23.14 -17.97 -5.93
C PRO B 142 24.20 -18.61 -5.06
N VAL B 143 23.96 -18.61 -3.75
CA VAL B 143 24.92 -19.20 -2.83
C VAL B 143 25.03 -20.71 -3.02
N GLU B 144 24.08 -21.34 -3.71
CA GLU B 144 24.11 -22.78 -3.87
C GLU B 144 25.11 -23.23 -4.93
N THR B 145 25.41 -22.38 -5.90
CA THR B 145 26.35 -22.71 -6.97
C THR B 145 27.62 -21.88 -6.91
N VAL B 146 27.73 -20.90 -6.02
CA VAL B 146 28.91 -20.06 -5.96
C VAL B 146 30.09 -20.88 -5.44
N GLU B 147 31.29 -20.53 -5.90
CA GLU B 147 32.51 -21.23 -5.53
C GLU B 147 33.36 -20.29 -4.68
N LEU B 148 33.49 -20.63 -3.39
CA LEU B 148 34.35 -19.92 -2.46
C LEU B 148 35.73 -20.59 -2.41
N PRO B 149 36.79 -19.81 -2.15
CA PRO B 149 38.13 -20.41 -2.04
C PRO B 149 38.36 -21.14 -0.72
N GLU B 150 37.43 -21.07 0.22
CA GLU B 150 37.63 -21.67 1.53
C GLU B 150 36.31 -21.70 2.27
N ARG B 151 36.19 -22.64 3.21
CA ARG B 151 35.11 -22.58 4.18
C ARG B 151 35.33 -21.41 5.12
N VAL B 152 34.24 -20.89 5.68
CA VAL B 152 34.28 -19.65 6.44
C VAL B 152 34.00 -19.93 7.91
N ASP B 153 34.43 -18.98 8.75
CA ASP B 153 34.24 -19.06 10.19
C ASP B 153 32.89 -18.54 10.64
N ALA B 154 32.21 -17.74 9.83
CA ALA B 154 30.96 -17.12 10.24
C ALA B 154 30.06 -16.89 9.03
N ILE B 155 28.75 -16.88 9.28
CA ILE B 155 27.74 -16.55 8.28
C ILE B 155 26.88 -15.42 8.84
N VAL B 156 26.71 -14.36 8.04
CA VAL B 156 25.78 -13.29 8.35
C VAL B 156 24.78 -13.20 7.20
N SER B 157 23.51 -12.95 7.52
CA SER B 157 22.49 -12.92 6.50
C SER B 157 21.24 -12.24 7.03
N GLU B 158 20.63 -11.43 6.17
CA GLU B 158 19.32 -10.84 6.44
C GLU B 158 18.31 -11.64 5.61
N TRP B 159 17.66 -12.61 6.25
CA TRP B 159 16.89 -13.61 5.53
C TRP B 159 15.42 -13.67 5.90
N MET B 160 14.99 -13.01 6.97
CA MET B 160 13.63 -13.17 7.46
C MET B 160 12.63 -12.41 6.60
N GLY B 161 11.48 -13.05 6.36
CA GLY B 161 10.36 -12.42 5.69
C GLY B 161 9.20 -12.16 6.63
N TYR B 162 8.07 -11.79 6.04
CA TYR B 162 6.87 -11.58 6.82
C TYR B 162 6.40 -12.90 7.42
N GLY B 163 6.01 -12.86 8.70
CA GLY B 163 5.76 -14.11 9.40
C GLY B 163 6.98 -15.00 9.48
N LEU B 164 8.17 -14.40 9.42
CA LEU B 164 9.47 -15.07 9.51
C LEU B 164 9.81 -15.90 8.26
N LEU B 165 8.84 -16.62 7.69
CA LEU B 165 9.12 -17.65 6.70
C LEU B 165 8.40 -17.43 5.37
N HIS B 166 7.88 -16.23 5.10
CA HIS B 166 7.21 -15.99 3.82
C HIS B 166 8.22 -15.95 2.68
N GLU B 167 8.49 -14.77 2.14
CA GLU B 167 9.48 -14.64 1.07
C GLU B 167 10.89 -14.63 1.69
N SER B 168 11.17 -15.70 2.41
CA SER B 168 12.44 -15.87 3.13
C SER B 168 13.44 -16.66 2.30
N MET B 169 14.70 -16.53 2.69
CA MET B 169 15.80 -17.27 2.08
C MET B 169 16.50 -18.16 3.10
N LEU B 170 15.75 -18.63 4.09
CA LEU B 170 16.33 -19.47 5.14
C LEU B 170 16.96 -20.73 4.56
N SER B 171 16.31 -21.31 3.54
CA SER B 171 16.87 -22.50 2.90
C SER B 171 18.23 -22.22 2.29
N SER B 172 18.39 -21.07 1.63
CA SER B 172 19.69 -20.71 1.07
C SER B 172 20.74 -20.54 2.16
N VAL B 173 20.35 -19.97 3.30
CA VAL B 173 21.28 -19.84 4.41
C VAL B 173 21.62 -21.21 4.98
N LEU B 174 20.64 -22.10 5.06
CA LEU B 174 20.91 -23.47 5.50
C LEU B 174 21.75 -24.22 4.48
N HIS B 175 21.51 -23.98 3.19
CA HIS B 175 22.37 -24.58 2.16
C HIS B 175 23.81 -24.12 2.32
N ALA B 176 24.00 -22.85 2.68
CA ALA B 176 25.34 -22.30 2.84
C ALA B 176 25.99 -22.74 4.14
N ARG B 177 25.19 -22.96 5.19
CA ARG B 177 25.72 -23.51 6.43
C ARG B 177 26.32 -24.89 6.18
N THR B 178 25.58 -25.75 5.46
CA THR B 178 26.06 -27.10 5.21
C THR B 178 27.31 -27.11 4.34
N LYS B 179 27.39 -26.22 3.36
CA LYS B 179 28.45 -26.29 2.37
C LYS B 179 29.71 -25.51 2.77
N TRP B 180 29.56 -24.38 3.45
CA TRP B 180 30.68 -23.47 3.63
C TRP B 180 31.02 -23.12 5.09
N LEU B 181 30.12 -23.37 6.04
CA LEU B 181 30.40 -22.98 7.41
C LEU B 181 31.26 -24.03 8.10
N LYS B 182 32.34 -23.58 8.73
CA LYS B 182 33.19 -24.48 9.50
C LYS B 182 32.43 -25.04 10.69
N GLU B 183 32.97 -26.10 11.28
CA GLU B 183 32.34 -26.75 12.42
C GLU B 183 32.21 -25.77 13.59
N GLY B 184 30.98 -25.65 14.11
CA GLY B 184 30.70 -24.73 15.19
C GLY B 184 30.81 -23.27 14.82
N GLY B 185 30.83 -22.92 13.54
CA GLY B 185 31.03 -21.55 13.12
C GLY B 185 29.93 -20.62 13.58
N LEU B 186 30.20 -19.33 13.47
CA LEU B 186 29.28 -18.33 14.01
C LEU B 186 28.17 -18.05 13.01
N LEU B 187 26.95 -17.91 13.53
CA LEU B 187 25.78 -17.58 12.71
C LEU B 187 25.17 -16.29 13.23
N LEU B 188 24.97 -15.33 12.34
CA LEU B 188 24.48 -14.00 12.71
C LEU B 188 23.30 -13.63 11.83
N PRO B 189 22.06 -13.75 12.33
CA PRO B 189 21.73 -14.30 13.66
C PRO B 189 21.85 -15.81 13.72
N ALA B 190 21.82 -16.37 14.93
CA ALA B 190 21.99 -17.81 15.11
C ALA B 190 20.69 -18.55 15.32
N SER B 191 19.64 -17.89 15.81
CA SER B 191 18.38 -18.57 16.08
C SER B 191 17.23 -17.60 15.84
N ALA B 192 16.02 -18.17 15.73
CA ALA B 192 14.79 -17.41 15.59
C ALA B 192 13.75 -17.99 16.53
N GLU B 193 13.02 -17.10 17.22
CA GLU B 193 12.00 -17.49 18.17
C GLU B 193 10.65 -16.94 17.72
N LEU B 194 9.67 -17.83 17.60
CA LEU B 194 8.32 -17.47 17.15
C LEU B 194 7.40 -17.28 18.36
N PHE B 195 6.60 -16.22 18.30
CA PHE B 195 5.73 -15.84 19.40
C PHE B 195 4.29 -15.66 18.91
N VAL B 196 3.34 -15.91 19.81
CA VAL B 196 1.92 -15.73 19.53
C VAL B 196 1.27 -15.06 20.73
N ALA B 197 0.30 -14.19 20.47
CA ALA B 197 -0.48 -13.56 21.52
C ALA B 197 -1.88 -13.30 20.98
N PRO B 198 -2.93 -13.56 21.76
CA PRO B 198 -4.27 -13.14 21.34
C PRO B 198 -4.39 -11.63 21.41
N ILE B 199 -5.15 -11.08 20.47
CA ILE B 199 -5.18 -9.63 20.28
C ILE B 199 -6.62 -9.13 20.22
N SER B 200 -6.79 -7.86 20.57
CA SER B 200 -8.01 -7.09 20.34
C SER B 200 -7.56 -5.87 19.52
N ASP B 201 -7.60 -6.01 18.20
CA ASP B 201 -7.08 -4.99 17.29
C ASP B 201 -7.91 -3.71 17.43
N GLN B 202 -7.29 -2.66 17.95
CA GLN B 202 -7.99 -1.40 18.14
C GLN B 202 -8.22 -0.68 16.81
N MET B 203 -7.34 -0.88 15.83
CA MET B 203 -7.56 -0.31 14.51
C MET B 203 -8.73 -0.98 13.81
N LEU B 204 -8.87 -2.30 13.99
CA LEU B 204 -10.01 -3.00 13.41
C LEU B 204 -11.32 -2.53 14.02
N GLU B 205 -11.33 -2.26 15.32
CA GLU B 205 -12.56 -1.83 15.98
C GLU B 205 -12.99 -0.44 15.52
N TRP B 206 -12.03 0.43 15.20
CA TRP B 206 -12.40 1.74 14.66
C TRP B 206 -12.90 1.62 13.23
N ARG B 207 -12.33 0.71 12.44
CA ARG B 207 -12.84 0.48 11.10
C ARG B 207 -14.26 -0.07 11.14
N LEU B 208 -14.56 -0.91 12.14
CA LEU B 208 -15.91 -1.43 12.32
C LEU B 208 -16.85 -0.33 12.79
N GLY B 209 -16.42 0.45 13.78
CA GLY B 209 -17.27 1.48 14.36
C GLY B 209 -17.45 2.72 13.50
N PHE B 210 -16.76 2.80 12.36
CA PHE B 210 -16.88 3.99 11.51
C PHE B 210 -18.30 4.14 10.97
N TRP B 211 -18.97 3.02 10.67
CA TRP B 211 -20.27 3.10 10.01
C TRP B 211 -21.35 3.61 10.97
N SER B 212 -21.19 3.39 12.28
CA SER B 212 -22.14 3.96 13.24
C SER B 212 -21.93 5.44 13.46
N GLN B 213 -20.83 6.01 12.96
CA GLN B 213 -20.52 7.42 13.13
C GLN B 213 -20.94 8.27 11.94
N VAL B 214 -21.44 7.65 10.86
CA VAL B 214 -21.80 8.41 9.67
C VAL B 214 -22.98 9.34 9.93
N LYS B 215 -23.95 8.90 10.75
CA LYS B 215 -25.13 9.73 11.00
C LYS B 215 -24.76 11.04 11.70
N GLN B 216 -23.74 11.03 12.55
CA GLN B 216 -23.35 12.25 13.24
C GLN B 216 -22.83 13.31 12.25
N HIS B 217 -22.04 12.87 11.27
N HIS B 217 -22.08 12.91 11.23
CA HIS B 217 -21.43 13.72 10.26
CA HIS B 217 -21.59 13.97 10.36
C HIS B 217 -22.46 14.25 9.27
C HIS B 217 -22.56 14.32 9.23
N TYR B 218 -22.97 13.35 8.43
CA TYR B 218 -23.78 13.66 7.26
C TYR B 218 -25.28 13.44 7.46
N GLY B 219 -25.70 12.89 8.60
CA GLY B 219 -27.10 12.67 8.82
C GLY B 219 -27.68 11.46 8.12
N VAL B 220 -26.85 10.53 7.69
CA VAL B 220 -27.29 9.29 7.06
C VAL B 220 -26.87 8.14 7.98
N ASP B 221 -27.85 7.44 8.53
CA ASP B 221 -27.55 6.31 9.39
C ASP B 221 -27.02 5.15 8.55
N MET B 222 -25.85 4.63 8.92
CA MET B 222 -25.24 3.52 8.19
C MET B 222 -24.73 2.45 9.16
N SER B 223 -25.34 2.35 10.34
CA SER B 223 -24.91 1.36 11.32
C SER B 223 -25.16 -0.08 10.86
N CYS B 224 -26.04 -0.28 9.88
CA CYS B 224 -26.28 -1.61 9.35
C CYS B 224 -25.08 -2.17 8.59
N MET B 225 -24.05 -1.35 8.35
CA MET B 225 -22.87 -1.79 7.64
C MET B 225 -21.86 -2.50 8.54
N GLU B 226 -21.94 -2.29 9.85
CA GLU B 226 -20.95 -2.88 10.75
C GLU B 226 -20.99 -4.40 10.70
N SER B 227 -22.18 -4.98 10.58
CA SER B 227 -22.29 -6.43 10.40
C SER B 227 -21.62 -6.87 9.11
N PHE B 228 -21.80 -6.08 8.04
CA PHE B 228 -21.20 -6.37 6.74
C PHE B 228 -19.69 -6.12 6.72
N ALA B 229 -19.22 -5.10 7.43
CA ALA B 229 -17.78 -4.84 7.48
C ALA B 229 -17.04 -5.89 8.28
N THR B 230 -17.69 -6.46 9.30
CA THR B 230 -17.04 -7.49 10.10
C THR B 230 -16.81 -8.76 9.29
N ARG B 231 -17.79 -9.15 8.47
CA ARG B 231 -17.61 -10.33 7.64
C ARG B 231 -16.51 -10.12 6.60
N CYS B 232 -16.41 -8.91 6.04
CA CYS B 232 -15.43 -8.64 5.00
C CYS B 232 -14.01 -8.52 5.56
N LEU B 233 -13.85 -7.92 6.75
CA LEU B 233 -12.53 -7.71 7.32
C LEU B 233 -12.06 -8.87 8.19
N MET B 234 -12.94 -9.81 8.54
CA MET B 234 -12.57 -10.92 9.41
C MET B 234 -12.92 -12.30 8.85
N GLY B 235 -13.89 -12.41 7.95
CA GLY B 235 -14.28 -13.71 7.41
C GLY B 235 -13.32 -14.31 6.40
N HIS B 236 -12.37 -13.53 5.90
CA HIS B 236 -11.36 -14.02 4.98
C HIS B 236 -10.45 -15.03 5.66
N SER B 237 -9.59 -15.67 4.87
CA SER B 237 -8.63 -16.65 5.35
C SER B 237 -7.22 -16.24 4.98
N GLU B 238 -6.88 -14.97 5.17
CA GLU B 238 -5.61 -14.42 4.75
C GLU B 238 -4.83 -13.88 5.94
N ILE B 239 -3.51 -14.00 5.85
CA ILE B 239 -2.60 -13.41 6.82
C ILE B 239 -2.53 -11.91 6.54
N VAL B 240 -2.83 -11.11 7.56
CA VAL B 240 -2.78 -9.65 7.44
C VAL B 240 -1.51 -9.16 8.12
N VAL B 241 -0.68 -8.45 7.37
CA VAL B 241 0.54 -7.86 7.90
C VAL B 241 0.21 -6.44 8.33
N GLN B 242 0.04 -6.25 9.64
CA GLN B 242 -0.25 -4.95 10.23
C GLN B 242 0.50 -4.83 11.55
N ASP B 243 0.84 -3.61 11.93
CA ASP B 243 1.56 -3.39 13.18
C ASP B 243 0.57 -3.03 14.28
N LEU B 244 0.75 -3.66 15.44
CA LEU B 244 -0.08 -3.43 16.61
C LEU B 244 0.75 -2.71 17.67
N SER B 245 0.07 -2.36 18.77
CA SER B 245 0.70 -1.80 19.94
C SER B 245 0.49 -2.74 21.12
N GLY B 246 1.11 -2.41 22.25
CA GLY B 246 0.88 -3.17 23.47
C GLY B 246 -0.55 -3.11 23.96
N GLU B 247 -1.30 -2.09 23.56
CA GLU B 247 -2.71 -2.00 23.93
C GLU B 247 -3.53 -3.11 23.27
N ASP B 248 -3.06 -3.65 22.14
CA ASP B 248 -3.80 -4.67 21.41
C ASP B 248 -3.63 -6.06 22.01
N VAL B 249 -2.61 -6.26 22.84
CA VAL B 249 -2.25 -7.58 23.32
C VAL B 249 -3.19 -7.99 24.46
N LEU B 250 -3.84 -9.15 24.31
CA LEU B 250 -4.81 -9.63 25.28
C LEU B 250 -4.21 -10.52 26.36
N ALA B 251 -3.08 -11.16 26.10
CA ALA B 251 -2.48 -12.07 27.07
C ALA B 251 -0.98 -12.07 26.90
N ARG B 252 -0.31 -12.67 27.88
CA ARG B 252 1.16 -12.72 27.88
C ARG B 252 1.65 -13.47 26.65
N PRO B 253 2.56 -12.88 25.85
CA PRO B 253 3.03 -13.55 24.64
C PRO B 253 3.66 -14.90 24.95
N GLN B 254 3.36 -15.87 24.09
CA GLN B 254 3.82 -17.25 24.26
C GLN B 254 4.76 -17.62 23.12
N ARG B 255 5.93 -18.16 23.46
CA ARG B 255 6.83 -18.70 22.46
C ARG B 255 6.41 -20.13 22.14
N PHE B 256 6.09 -20.39 20.88
CA PHE B 256 5.58 -21.69 20.48
C PHE B 256 6.54 -22.47 19.58
N ALA B 257 7.68 -21.88 19.20
CA ALA B 257 8.64 -22.59 18.36
C ALA B 257 9.97 -21.87 18.43
N GLN B 258 11.04 -22.63 18.19
CA GLN B 258 12.39 -22.08 18.10
C GLN B 258 13.14 -22.81 17.01
N LEU B 259 13.84 -22.04 16.17
CA LEU B 259 14.60 -22.57 15.03
C LEU B 259 16.08 -22.33 15.28
N GLU B 260 16.86 -23.40 15.28
CA GLU B 260 18.31 -23.31 15.46
C GLU B 260 18.99 -23.47 14.11
N LEU B 261 19.68 -22.41 13.66
CA LEU B 261 20.16 -22.34 12.29
C LEU B 261 21.36 -23.26 12.02
N ALA B 262 22.04 -23.73 13.07
CA ALA B 262 23.16 -24.64 12.88
C ALA B 262 22.71 -26.08 12.65
N ARG B 263 21.43 -26.38 12.84
CA ARG B 263 20.93 -27.75 12.78
C ARG B 263 20.78 -28.19 11.33
N ALA B 264 21.55 -29.20 10.95
CA ALA B 264 21.29 -29.90 9.70
C ALA B 264 20.02 -30.70 9.82
N GLY B 265 19.22 -30.70 8.75
CA GLY B 265 17.90 -31.27 8.79
C GLY B 265 16.82 -30.31 9.21
N LEU B 266 17.19 -29.06 9.54
CA LEU B 266 16.18 -28.03 9.76
C LEU B 266 15.43 -27.71 8.48
N GLU B 267 16.10 -27.84 7.34
CA GLU B 267 15.45 -27.54 6.06
C GLU B 267 14.31 -28.50 5.78
N GLN B 268 14.49 -29.78 6.13
CA GLN B 268 13.41 -30.75 5.94
C GLN B 268 12.26 -30.51 6.90
N GLU B 269 12.54 -29.93 8.06
CA GLU B 269 11.49 -29.68 9.04
C GLU B 269 10.66 -28.45 8.68
N LEU B 270 11.25 -27.49 7.95
CA LEU B 270 10.48 -26.36 7.45
C LEU B 270 9.40 -26.83 6.48
N GLU B 271 9.71 -27.84 5.66
CA GLU B 271 8.77 -28.33 4.66
C GLU B 271 7.65 -29.16 5.28
N ALA B 272 7.91 -29.81 6.42
CA ALA B 272 6.84 -30.52 7.13
C ALA B 272 5.99 -29.60 7.99
N GLY B 273 6.54 -28.47 8.42
CA GLY B 273 5.82 -27.53 9.26
C GLY B 273 6.56 -27.18 10.53
N VAL B 274 6.46 -25.92 10.95
CA VAL B 274 7.16 -25.42 12.13
C VAL B 274 6.13 -24.79 13.07
N GLY B 275 6.19 -25.16 14.34
CA GLY B 275 5.30 -24.55 15.31
C GLY B 275 5.22 -25.38 16.58
N GLY B 276 4.08 -25.25 17.27
CA GLY B 276 3.89 -25.93 18.53
C GLY B 276 2.66 -25.43 19.23
N ARG B 277 2.48 -25.90 20.46
CA ARG B 277 1.32 -25.57 21.26
C ARG B 277 1.54 -24.25 22.02
N PHE B 278 0.45 -23.70 22.54
CA PHE B 278 0.52 -22.51 23.38
C PHE B 278 -0.69 -22.48 24.31
N ARG B 279 -0.52 -21.78 25.44
CA ARG B 279 -1.59 -21.59 26.40
C ARG B 279 -1.40 -20.23 27.07
N CYS B 280 -2.51 -19.50 27.23
CA CYS B 280 -2.46 -18.17 27.84
C CYS B 280 -3.80 -17.85 28.48
N SER B 281 -3.76 -16.97 29.47
CA SER B 281 -4.95 -16.47 30.13
C SER B 281 -5.09 -14.97 29.85
N CYS B 282 -6.31 -14.55 29.55
CA CYS B 282 -6.54 -13.18 29.09
C CYS B 282 -6.31 -12.17 30.21
N TYR B 283 -5.79 -10.99 29.84
CA TYR B 283 -5.59 -9.92 30.80
C TYR B 283 -6.92 -9.44 31.38
N GLY B 284 -7.88 -9.17 30.53
CA GLY B 284 -9.15 -8.65 30.97
C GLY B 284 -10.24 -8.85 29.93
N SER B 285 -11.24 -7.98 29.99
CA SER B 285 -12.41 -8.09 29.14
C SER B 285 -12.22 -7.24 27.88
N ALA B 286 -12.46 -7.86 26.72
CA ALA B 286 -12.33 -7.23 25.41
C ALA B 286 -12.81 -8.20 24.34
N PRO B 287 -13.13 -7.73 23.14
CA PRO B 287 -13.44 -8.66 22.03
C PRO B 287 -12.18 -9.28 21.47
N LEU B 288 -12.15 -10.62 21.43
CA LEU B 288 -11.05 -11.35 20.82
C LEU B 288 -11.23 -11.38 19.30
N HIS B 289 -10.25 -10.84 18.58
CA HIS B 289 -10.31 -10.79 17.13
C HIS B 289 -9.45 -11.83 16.44
N GLY B 290 -8.52 -12.44 17.15
CA GLY B 290 -7.66 -13.44 16.57
C GLY B 290 -6.32 -13.48 17.28
N PHE B 291 -5.29 -13.78 16.52
CA PHE B 291 -3.94 -13.95 17.08
C PHE B 291 -2.92 -13.24 16.21
N ALA B 292 -1.93 -12.65 16.86
CA ALA B 292 -0.80 -12.04 16.19
C ALA B 292 0.42 -12.95 16.34
N VAL B 293 1.09 -13.23 15.23
CA VAL B 293 2.31 -14.02 15.21
C VAL B 293 3.46 -13.10 14.81
N TRP B 294 4.55 -13.15 15.59
CA TRP B 294 5.75 -12.39 15.28
C TRP B 294 6.96 -13.22 15.67
N PHE B 295 8.14 -12.70 15.35
CA PHE B 295 9.38 -13.42 15.55
C PHE B 295 10.43 -12.51 16.18
N GLN B 296 11.50 -13.14 16.64
CA GLN B 296 12.71 -12.43 17.05
C GLN B 296 13.91 -13.28 16.66
N VAL B 297 15.01 -12.63 16.33
CA VAL B 297 16.25 -13.31 15.98
C VAL B 297 17.29 -12.98 17.03
N THR B 298 18.04 -14.00 17.45
CA THR B 298 19.00 -13.87 18.54
C THR B 298 20.42 -14.00 17.98
N PHE B 299 21.25 -12.99 18.25
CA PHE B 299 22.66 -13.08 17.89
C PHE B 299 23.46 -13.62 19.08
N PRO B 300 24.47 -14.45 18.84
CA PRO B 300 25.36 -14.85 19.93
C PRO B 300 26.14 -13.64 20.44
N GLY B 301 26.19 -13.51 21.78
CA GLY B 301 26.80 -12.34 22.39
C GLY B 301 28.28 -12.54 22.72
N GLY B 302 28.95 -11.42 22.99
CA GLY B 302 30.36 -11.43 23.34
C GLY B 302 30.83 -10.11 23.92
N PRO B 307 23.78 -11.07 24.81
CA PRO B 307 23.10 -11.64 23.65
C PRO B 307 22.05 -10.70 23.07
N LEU B 308 22.35 -10.11 21.92
CA LEU B 308 21.47 -9.12 21.32
C LEU B 308 20.30 -9.79 20.61
N VAL B 309 19.11 -9.22 20.77
CA VAL B 309 17.89 -9.75 20.21
C VAL B 309 17.25 -8.67 19.33
N LEU B 310 16.89 -9.05 18.11
CA LEU B 310 16.10 -8.19 17.22
C LEU B 310 14.68 -8.72 17.23
N SER B 311 13.76 -7.93 17.80
CA SER B 311 12.37 -8.34 17.99
C SER B 311 11.45 -7.60 17.02
N THR B 312 10.38 -8.30 16.61
CA THR B 312 9.29 -7.72 15.84
C THR B 312 7.98 -7.74 16.63
N SER B 313 8.07 -7.76 17.96
CA SER B 313 6.92 -7.76 18.86
C SER B 313 6.23 -6.40 18.86
N PRO B 314 4.90 -6.40 18.98
CA PRO B 314 4.17 -5.13 19.14
C PRO B 314 4.52 -4.39 20.43
N LEU B 315 5.10 -5.08 21.42
CA LEU B 315 5.54 -4.46 22.66
C LEU B 315 6.91 -3.81 22.55
N HIS B 316 7.57 -3.93 21.40
CA HIS B 316 8.91 -3.41 21.17
C HIS B 316 8.90 -2.52 19.93
N PRO B 317 9.92 -1.67 19.74
CA PRO B 317 9.85 -0.68 18.65
C PRO B 317 9.56 -1.31 17.30
N ALA B 318 8.82 -0.58 16.48
CA ALA B 318 8.25 -1.11 15.25
C ALA B 318 9.31 -1.38 14.20
N THR B 319 9.07 -2.42 13.40
CA THR B 319 9.90 -2.74 12.24
C THR B 319 8.99 -2.85 11.02
N HIS B 320 9.61 -3.06 9.85
CA HIS B 320 8.83 -3.17 8.63
C HIS B 320 8.10 -4.50 8.52
N TRP B 321 8.52 -5.51 9.30
CA TRP B 321 7.79 -6.78 9.32
C TRP B 321 6.44 -6.64 10.02
N LYS B 322 6.34 -5.72 10.99
CA LYS B 322 5.12 -5.53 11.78
C LYS B 322 4.77 -6.88 12.41
N GLN B 323 3.52 -7.33 12.36
CA GLN B 323 3.16 -8.64 12.86
C GLN B 323 2.18 -9.28 11.89
N ALA B 324 2.11 -10.61 11.95
CA ALA B 324 1.18 -11.37 11.13
C ALA B 324 -0.09 -11.61 11.92
N LEU B 325 -1.20 -11.03 11.45
CA LEU B 325 -2.47 -11.09 12.16
C LEU B 325 -3.36 -12.19 11.58
N LEU B 326 -3.81 -13.09 12.45
CA LEU B 326 -4.68 -14.20 12.08
C LEU B 326 -6.06 -13.92 12.66
N TYR B 327 -6.96 -13.40 11.83
CA TYR B 327 -8.26 -12.99 12.31
C TYR B 327 -9.23 -14.15 12.38
N LEU B 328 -10.01 -14.20 13.45
CA LEU B 328 -11.13 -15.13 13.52
C LEU B 328 -12.27 -14.65 12.62
N ASN B 329 -13.25 -15.51 12.41
CA ASN B 329 -14.37 -15.15 11.55
C ASN B 329 -15.23 -14.07 12.18
N GLU B 330 -15.41 -14.11 13.49
CA GLU B 330 -16.21 -13.13 14.23
C GLU B 330 -15.46 -12.78 15.50
N PRO B 331 -15.74 -11.61 16.08
CA PRO B 331 -15.21 -11.30 17.41
C PRO B 331 -15.80 -12.22 18.46
N VAL B 332 -14.98 -12.58 19.44
CA VAL B 332 -15.36 -13.47 20.51
C VAL B 332 -15.19 -12.73 21.84
N PRO B 333 -16.24 -12.56 22.63
CA PRO B 333 -16.09 -11.94 23.95
C PRO B 333 -15.24 -12.80 24.88
N VAL B 334 -14.25 -12.17 25.51
CA VAL B 334 -13.44 -12.81 26.54
C VAL B 334 -13.37 -11.88 27.75
N GLU B 335 -13.05 -12.46 28.90
CA GLU B 335 -12.93 -11.72 30.14
C GLU B 335 -11.59 -12.03 30.78
N GLN B 336 -11.36 -11.45 31.96
CA GLN B 336 -10.14 -11.71 32.70
C GLN B 336 -10.04 -13.19 33.05
N ASP B 337 -8.85 -13.74 32.88
CA ASP B 337 -8.51 -15.14 33.17
C ASP B 337 -9.17 -16.13 32.21
N THR B 338 -9.77 -15.67 31.11
CA THR B 338 -10.25 -16.58 30.09
C THR B 338 -9.06 -17.29 29.44
N ASP B 339 -9.04 -18.61 29.52
CA ASP B 339 -7.91 -19.39 29.05
C ASP B 339 -8.05 -19.70 27.57
N ILE B 340 -7.03 -19.35 26.80
CA ILE B 340 -6.96 -19.67 25.37
C ILE B 340 -5.78 -20.60 25.16
N SER B 341 -6.05 -21.77 24.58
CA SER B 341 -5.01 -22.73 24.25
C SER B 341 -5.10 -23.06 22.77
N GLY B 342 -4.03 -23.64 22.25
CA GLY B 342 -4.06 -24.10 20.86
C GLY B 342 -2.68 -24.37 20.32
N GLU B 343 -2.58 -24.32 18.99
CA GLU B 343 -1.38 -24.71 18.27
C GLU B 343 -1.32 -23.95 16.96
N ILE B 344 -0.11 -23.63 16.53
CA ILE B 344 0.13 -22.89 15.30
C ILE B 344 1.26 -23.56 14.53
N THR B 345 1.08 -23.71 13.22
CA THR B 345 2.07 -24.35 12.36
C THR B 345 2.32 -23.47 11.14
N LEU B 346 3.58 -23.12 10.90
CA LEU B 346 3.98 -22.36 9.74
C LEU B 346 4.45 -23.34 8.66
N LEU B 347 3.78 -23.33 7.52
CA LEU B 347 3.97 -24.31 6.46
C LEU B 347 4.20 -23.62 5.13
N PRO B 348 4.87 -24.30 4.19
CA PRO B 348 4.90 -23.79 2.81
C PRO B 348 3.60 -24.08 2.10
N SER B 349 3.15 -23.12 1.29
CA SER B 349 1.90 -23.28 0.58
C SER B 349 2.02 -24.42 -0.44
N PRO B 350 0.98 -25.23 -0.60
CA PRO B 350 1.05 -26.31 -1.61
C PRO B 350 1.19 -25.79 -3.03
N ASP B 351 0.63 -24.61 -3.32
CA ASP B 351 0.81 -24.01 -4.64
C ASP B 351 2.21 -23.43 -4.80
N ASN B 352 2.74 -22.82 -3.76
CA ASN B 352 4.02 -22.12 -3.84
C ASN B 352 4.83 -22.39 -2.57
N PRO B 353 5.94 -23.13 -2.67
CA PRO B 353 6.75 -23.42 -1.46
C PRO B 353 7.42 -22.20 -0.85
N ARG B 354 7.40 -21.05 -1.53
CA ARG B 354 7.90 -19.80 -0.98
C ARG B 354 6.82 -19.00 -0.25
N ARG B 355 5.58 -19.46 -0.29
CA ARG B 355 4.44 -18.72 0.25
C ARG B 355 4.04 -19.29 1.60
N LEU B 356 3.91 -18.42 2.59
CA LEU B 356 3.65 -18.84 3.96
C LEU B 356 2.18 -19.21 4.15
N ARG B 357 1.96 -20.39 4.73
CA ARG B 357 0.65 -20.82 5.19
C ARG B 357 0.71 -21.09 6.69
N ILE B 358 -0.36 -20.75 7.39
CA ILE B 358 -0.43 -20.93 8.84
C ILE B 358 -1.70 -21.70 9.19
N LEU B 359 -1.53 -22.86 9.81
CA LEU B 359 -2.65 -23.63 10.36
C LEU B 359 -2.85 -23.22 11.81
N LEU B 360 -4.02 -22.67 12.12
CA LEU B 360 -4.35 -22.25 13.48
C LEU B 360 -5.38 -23.20 14.06
N ARG B 361 -5.15 -23.64 15.29
CA ARG B 361 -6.08 -24.49 16.04
C ARG B 361 -6.17 -23.90 17.43
N TYR B 362 -7.38 -23.51 17.84
CA TYR B 362 -7.54 -22.73 19.06
C TYR B 362 -8.79 -23.16 19.81
N LYS B 363 -8.79 -22.88 21.11
CA LYS B 363 -9.93 -23.13 21.98
C LYS B 363 -10.05 -21.98 22.96
N VAL B 364 -11.23 -21.35 22.99
CA VAL B 364 -11.48 -20.20 23.86
C VAL B 364 -12.43 -20.66 24.96
N GLY B 365 -11.92 -20.68 26.20
CA GLY B 365 -12.73 -21.06 27.34
C GLY B 365 -13.39 -22.43 27.20
N ASP B 366 -14.71 -22.45 27.29
CA ASP B 366 -15.49 -23.68 27.14
C ASP B 366 -15.93 -23.93 25.70
N HIS B 367 -15.66 -23.00 24.79
CA HIS B 367 -16.08 -23.17 23.41
C HIS B 367 -15.37 -24.36 22.78
N GLU B 368 -15.95 -24.85 21.69
CA GLU B 368 -15.36 -25.97 20.96
C GLU B 368 -14.07 -25.53 20.28
N GLU B 369 -13.11 -26.46 20.21
CA GLU B 369 -11.86 -26.19 19.52
C GLU B 369 -12.12 -26.00 18.03
N LYS B 370 -11.75 -24.83 17.52
CA LYS B 370 -11.93 -24.48 16.12
C LYS B 370 -10.57 -24.42 15.43
N THR B 371 -10.61 -24.42 14.10
CA THR B 371 -9.41 -24.33 13.28
C THR B 371 -9.64 -23.33 12.17
N LYS B 372 -8.56 -22.74 11.68
CA LYS B 372 -8.61 -21.86 10.53
C LYS B 372 -7.29 -21.94 9.79
N ASP B 373 -7.36 -21.84 8.46
CA ASP B 373 -6.24 -22.09 7.58
C ASP B 373 -5.89 -20.79 6.84
N PHE B 374 -4.78 -20.18 7.21
CA PHE B 374 -4.38 -18.89 6.67
C PHE B 374 -3.29 -19.05 5.63
N ALA B 375 -3.28 -18.13 4.67
CA ALA B 375 -2.20 -18.00 3.69
C ALA B 375 -1.90 -16.51 3.51
N MET B 376 -0.71 -16.22 2.99
CA MET B 376 -0.28 -14.84 2.83
C MET B 376 -0.96 -14.18 1.63
N1 6RE C . -23.48 0.84 -13.57
C2 6RE C . -23.73 0.90 -12.25
N3 6RE C . -22.86 1.06 -11.24
C4 6RE C . -21.61 1.16 -11.70
C5 6RE C . -21.20 1.12 -13.03
C6 6RE C . -22.21 0.95 -13.99
N6 6RE C . -21.98 0.89 -15.32
N7 6RE C . -19.83 1.27 -13.13
C8 6RE C . -19.44 1.39 -11.87
N9 6RE C . -20.46 1.34 -10.97
C1' 6RE C . -20.36 1.44 -9.51
C2' 6RE C . -19.39 0.45 -8.87
O2' 6RE C . -20.05 -0.77 -8.55
C3' 6RE C . -18.99 1.23 -7.61
O3' 6RE C . -19.98 1.14 -6.59
C4' 6RE C . -18.88 2.65 -8.14
O4' 6RE C . -19.88 2.74 -9.19
C5' 6RE C . -17.55 3.04 -8.74
C6' 6RE C . -17.11 4.41 -8.28
N7' 6RE C . -15.79 4.76 -8.76
C8' 6RE C . -15.26 5.98 -8.72
N9' 6RE C . -15.97 6.98 -8.23
N10 6RE C . -14.04 6.20 -9.18
N1 6RE D . 21.58 -16.62 -3.09
C2 6RE D . 22.02 -15.35 -3.08
N3 6RE D . 21.36 -14.24 -2.75
C4 6RE D . 20.09 -14.52 -2.42
C5 6RE D . 19.49 -15.78 -2.40
C6 6RE D . 20.30 -16.87 -2.76
N6 6RE D . 19.86 -18.13 -2.80
N7 6RE D . 18.16 -15.67 -2.00
C8 6RE D . 17.99 -14.39 -1.80
N9 6RE D . 19.12 -13.63 -2.03
C1' 6RE D . 19.25 -12.18 -1.90
C2' 6RE D . 18.23 -11.38 -2.71
O2' 6RE D . 18.72 -11.13 -4.03
C3' 6RE D . 18.14 -10.09 -1.89
O3' 6RE D . 19.22 -9.21 -2.18
C4' 6RE D . 18.25 -10.63 -0.46
O4' 6RE D . 19.03 -11.83 -0.55
C5' 6RE D . 16.93 -10.98 0.21
C6' 6RE D . 16.57 -9.90 1.23
N7' 6RE D . 16.10 -10.46 2.49
C8' 6RE D . 14.91 -11.01 2.69
N9' 6RE D . 14.05 -11.09 1.68
N10 6RE D . 14.57 -11.47 3.87
#